data_5YRX
# 
_entry.id   5YRX 
# 
_audit_conform.dict_name       mmcif_pdbx.dic 
_audit_conform.dict_version    5.380 
_audit_conform.dict_location   http://mmcif.pdb.org/dictionaries/ascii/mmcif_pdbx.dic 
# 
loop_
_database_2.database_id 
_database_2.database_code 
_database_2.pdbx_database_accession 
_database_2.pdbx_DOI 
PDB   5YRX         pdb_00005yrx 10.2210/pdb5yrx/pdb 
WWPDB D_1300005797 ?            ?                   
# 
_pdbx_database_status.status_code                     REL 
_pdbx_database_status.status_code_sf                  REL 
_pdbx_database_status.status_code_mr                  ? 
_pdbx_database_status.entry_id                        5YRX 
_pdbx_database_status.recvd_initial_deposition_date   2017-11-10 
_pdbx_database_status.SG_entry                        N 
_pdbx_database_status.deposit_site                    PDBJ 
_pdbx_database_status.process_site                    PDBJ 
_pdbx_database_status.status_code_cs                  ? 
_pdbx_database_status.methods_development_category    ? 
_pdbx_database_status.pdb_format_compatible           Y 
_pdbx_database_status.status_code_nmr_data            ? 
# 
loop_
_audit_author.name 
_audit_author.pdbx_ordinal 
_audit_author.identifier_ORCID 
'Deka, G.'        1 ? 
'Gopalan, A.'     2 ? 
'Prabhavathi, M.' 3 ? 
'Savithri, H.S.'  4 ? 
'Raja, A.'        5 ? 
'Murthy, M.R.N.'  6 ? 
# 
_citation.abstract                  ? 
_citation.abstract_id_CAS           ? 
_citation.book_id_ISBN              ? 
_citation.book_publisher            ? 
_citation.book_publisher_city       ? 
_citation.book_title                ? 
_citation.coordinate_linkage        ? 
_citation.country                   US 
_citation.database_id_Medline       ? 
_citation.details                   ? 
_citation.id                        primary 
_citation.journal_abbrev            'Biochem. Biophys. Res. Commun.' 
_citation.journal_id_ASTM           BBRCA9 
_citation.journal_id_CSD            0146 
_citation.journal_id_ISSN           1090-2104 
_citation.journal_full              ? 
_citation.journal_issue             ? 
_citation.journal_volume            495 
_citation.language                  ? 
_citation.page_first                982 
_citation.page_last                 987 
_citation.title                     
'Structural and biophysical characterization of Rv3716c, a hypothetical protein from Mycobacterium tuberculosis' 
_citation.year                      2018 
_citation.database_id_CSD           ? 
_citation.pdbx_database_id_DOI      10.1016/j.bbrc.2017.11.093 
_citation.pdbx_database_id_PubMed   29154992 
_citation.unpublished_flag          ? 
# 
loop_
_citation_author.citation_id 
_citation_author.name 
_citation_author.ordinal 
_citation_author.identifier_ORCID 
primary 'Gopalan, A.'     1 ? 
primary 'Deka, G.'        2 ? 
primary 'Prabhavathi, M.' 3 ? 
primary 'Savithri, H.S.'  4 ? 
primary 'Murthy, M.R.N.'  5 ? 
primary 'Raja, A.'        6 ? 
# 
_cell.angle_alpha                  90.00 
_cell.angle_alpha_esd              ? 
_cell.angle_beta                   90.00 
_cell.angle_beta_esd               ? 
_cell.angle_gamma                  90.00 
_cell.angle_gamma_esd              ? 
_cell.entry_id                     5YRX 
_cell.details                      ? 
_cell.formula_units_Z              ? 
_cell.length_a                     35.110 
_cell.length_a_esd                 ? 
_cell.length_b                     183.750 
_cell.length_b_esd                 ? 
_cell.length_c                     37.250 
_cell.length_c_esd                 ? 
_cell.volume                       ? 
_cell.volume_esd                   ? 
_cell.Z_PDB                        8 
_cell.reciprocal_angle_alpha       ? 
_cell.reciprocal_angle_beta        ? 
_cell.reciprocal_angle_gamma       ? 
_cell.reciprocal_angle_alpha_esd   ? 
_cell.reciprocal_angle_beta_esd    ? 
_cell.reciprocal_angle_gamma_esd   ? 
_cell.reciprocal_length_a          ? 
_cell.reciprocal_length_b          ? 
_cell.reciprocal_length_c          ? 
_cell.reciprocal_length_a_esd      ? 
_cell.reciprocal_length_b_esd      ? 
_cell.reciprocal_length_c_esd      ? 
_cell.pdbx_unique_axis             ? 
# 
_symmetry.entry_id                         5YRX 
_symmetry.cell_setting                     ? 
_symmetry.Int_Tables_number                20 
_symmetry.space_group_name_Hall            ? 
_symmetry.space_group_name_H-M             'C 2 2 21' 
_symmetry.pdbx_full_space_group_name_H-M   ? 
# 
loop_
_entity.id 
_entity.type 
_entity.src_method 
_entity.pdbx_description 
_entity.formula_weight 
_entity.pdbx_number_of_molecules 
_entity.pdbx_ec 
_entity.pdbx_mutation 
_entity.pdbx_fragment 
_entity.details 
1 polymer     man 'Nucleoid-associated protein Rv3716c' 14195.266 1  ? ? ? ? 
2 non-polymer syn 'CADMIUM ION'                         112.411   1  ? ? ? ? 
3 non-polymer syn 1,2-ETHANEDIOL                        62.068    3  ? ? ? ? 
4 water       nat water                                 18.015    62 ? ? ? ? 
# 
_entity_poly.entity_id                      1 
_entity_poly.type                           'polypeptide(L)' 
_entity_poly.nstd_linkage                   no 
_entity_poly.nstd_monomer                   no 
_entity_poly.pdbx_seq_one_letter_code       
;HHHHHHMQPGGDMSALLAQAQQMQQKLLEAQQQLANSEVHGQAGGGLVKVVVKGSGEVIGVTIDPKVVDPDDIETLQDLI
VGAMRDASQQVTKMAQERLGALAGAMRPPAPPAAPPGAPGMPGMPGMPGAPGAPPVPGI
;
_entity_poly.pdbx_seq_one_letter_code_can   
;HHHHHHMQPGGDMSALLAQAQQMQQKLLEAQQQLANSEVHGQAGGGLVKVVVKGSGEVIGVTIDPKVVDPDDIETLQDLI
VGAMRDASQQVTKMAQERLGALAGAMRPPAPPAAPPGAPGMPGMPGMPGAPGAPPVPGI
;
_entity_poly.pdbx_strand_id                 A 
_entity_poly.pdbx_target_identifier         ? 
# 
loop_
_entity_poly_seq.entity_id 
_entity_poly_seq.num 
_entity_poly_seq.mon_id 
_entity_poly_seq.hetero 
1 1   HIS n 
1 2   HIS n 
1 3   HIS n 
1 4   HIS n 
1 5   HIS n 
1 6   HIS n 
1 7   MET n 
1 8   GLN n 
1 9   PRO n 
1 10  GLY n 
1 11  GLY n 
1 12  ASP n 
1 13  MET n 
1 14  SER n 
1 15  ALA n 
1 16  LEU n 
1 17  LEU n 
1 18  ALA n 
1 19  GLN n 
1 20  ALA n 
1 21  GLN n 
1 22  GLN n 
1 23  MET n 
1 24  GLN n 
1 25  GLN n 
1 26  LYS n 
1 27  LEU n 
1 28  LEU n 
1 29  GLU n 
1 30  ALA n 
1 31  GLN n 
1 32  GLN n 
1 33  GLN n 
1 34  LEU n 
1 35  ALA n 
1 36  ASN n 
1 37  SER n 
1 38  GLU n 
1 39  VAL n 
1 40  HIS n 
1 41  GLY n 
1 42  GLN n 
1 43  ALA n 
1 44  GLY n 
1 45  GLY n 
1 46  GLY n 
1 47  LEU n 
1 48  VAL n 
1 49  LYS n 
1 50  VAL n 
1 51  VAL n 
1 52  VAL n 
1 53  LYS n 
1 54  GLY n 
1 55  SER n 
1 56  GLY n 
1 57  GLU n 
1 58  VAL n 
1 59  ILE n 
1 60  GLY n 
1 61  VAL n 
1 62  THR n 
1 63  ILE n 
1 64  ASP n 
1 65  PRO n 
1 66  LYS n 
1 67  VAL n 
1 68  VAL n 
1 69  ASP n 
1 70  PRO n 
1 71  ASP n 
1 72  ASP n 
1 73  ILE n 
1 74  GLU n 
1 75  THR n 
1 76  LEU n 
1 77  GLN n 
1 78  ASP n 
1 79  LEU n 
1 80  ILE n 
1 81  VAL n 
1 82  GLY n 
1 83  ALA n 
1 84  MET n 
1 85  ARG n 
1 86  ASP n 
1 87  ALA n 
1 88  SER n 
1 89  GLN n 
1 90  GLN n 
1 91  VAL n 
1 92  THR n 
1 93  LYS n 
1 94  MET n 
1 95  ALA n 
1 96  GLN n 
1 97  GLU n 
1 98  ARG n 
1 99  LEU n 
1 100 GLY n 
1 101 ALA n 
1 102 LEU n 
1 103 ALA n 
1 104 GLY n 
1 105 ALA n 
1 106 MET n 
1 107 ARG n 
1 108 PRO n 
1 109 PRO n 
1 110 ALA n 
1 111 PRO n 
1 112 PRO n 
1 113 ALA n 
1 114 ALA n 
1 115 PRO n 
1 116 PRO n 
1 117 GLY n 
1 118 ALA n 
1 119 PRO n 
1 120 GLY n 
1 121 MET n 
1 122 PRO n 
1 123 GLY n 
1 124 MET n 
1 125 PRO n 
1 126 GLY n 
1 127 MET n 
1 128 PRO n 
1 129 GLY n 
1 130 ALA n 
1 131 PRO n 
1 132 GLY n 
1 133 ALA n 
1 134 PRO n 
1 135 PRO n 
1 136 VAL n 
1 137 PRO n 
1 138 GLY n 
1 139 ILE n 
# 
_entity_src_gen.entity_id                          1 
_entity_src_gen.pdbx_src_id                        1 
_entity_src_gen.pdbx_alt_source_flag               sample 
_entity_src_gen.pdbx_seq_type                      'Biological sequence' 
_entity_src_gen.pdbx_beg_seq_num                   1 
_entity_src_gen.pdbx_end_seq_num                   139 
_entity_src_gen.gene_src_common_name               ? 
_entity_src_gen.gene_src_genus                     ? 
_entity_src_gen.pdbx_gene_src_gene                 Rv3716c 
_entity_src_gen.gene_src_species                   ? 
_entity_src_gen.gene_src_strain                    H37Rv 
_entity_src_gen.gene_src_tissue                    ? 
_entity_src_gen.gene_src_tissue_fraction           ? 
_entity_src_gen.gene_src_details                   ? 
_entity_src_gen.pdbx_gene_src_fragment             ? 
_entity_src_gen.pdbx_gene_src_scientific_name      'Mycobacterium tuberculosis H37Rv' 
_entity_src_gen.pdbx_gene_src_ncbi_taxonomy_id     83332 
_entity_src_gen.pdbx_gene_src_variant              ? 
_entity_src_gen.pdbx_gene_src_cell_line            ? 
_entity_src_gen.pdbx_gene_src_atcc                 ? 
_entity_src_gen.pdbx_gene_src_organ                ? 
_entity_src_gen.pdbx_gene_src_organelle            ? 
_entity_src_gen.pdbx_gene_src_cell                 ? 
_entity_src_gen.pdbx_gene_src_cellular_location    ? 
_entity_src_gen.host_org_common_name               ? 
_entity_src_gen.pdbx_host_org_scientific_name      'Escherichia coli' 
_entity_src_gen.pdbx_host_org_ncbi_taxonomy_id     562 
_entity_src_gen.host_org_genus                     ? 
_entity_src_gen.pdbx_host_org_gene                 ? 
_entity_src_gen.pdbx_host_org_organ                ? 
_entity_src_gen.host_org_species                   ? 
_entity_src_gen.pdbx_host_org_tissue               ? 
_entity_src_gen.pdbx_host_org_tissue_fraction      ? 
_entity_src_gen.pdbx_host_org_strain               ? 
_entity_src_gen.pdbx_host_org_variant              ? 
_entity_src_gen.pdbx_host_org_cell_line            ? 
_entity_src_gen.pdbx_host_org_atcc                 ? 
_entity_src_gen.pdbx_host_org_culture_collection   ? 
_entity_src_gen.pdbx_host_org_cell                 ? 
_entity_src_gen.pdbx_host_org_organelle            ? 
_entity_src_gen.pdbx_host_org_cellular_location    ? 
_entity_src_gen.pdbx_host_org_vector_type          ? 
_entity_src_gen.pdbx_host_org_vector               ? 
_entity_src_gen.host_org_details                   ? 
_entity_src_gen.expression_system_id               ? 
_entity_src_gen.plasmid_name                       ? 
_entity_src_gen.plasmid_details                    ? 
_entity_src_gen.pdbx_description                   ? 
# 
_struct_ref.id                         1 
_struct_ref.db_name                    UNP 
_struct_ref.db_code                    Y3716_MYCTU 
_struct_ref.pdbx_db_accession          P9WNR9 
_struct_ref.pdbx_db_isoform            ? 
_struct_ref.entity_id                  1 
_struct_ref.pdbx_seq_one_letter_code   
;MQPGGDMSALLAQAQQMQQKLLEAQQQLANSEVHGQAGGGLVKVVVKGSGEVIGVTIDPKVVDPDDIETLQDLIVGAMRD
ASQQVTKMAQERLGALAGAMRPPAPPAAPPGAPGMPGMPGMPGAPGAPPVPGI
;
_struct_ref.pdbx_align_begin           1 
# 
_struct_ref_seq.align_id                      1 
_struct_ref_seq.ref_id                        1 
_struct_ref_seq.pdbx_PDB_id_code              5YRX 
_struct_ref_seq.pdbx_strand_id                A 
_struct_ref_seq.seq_align_beg                 7 
_struct_ref_seq.pdbx_seq_align_beg_ins_code   ? 
_struct_ref_seq.seq_align_end                 139 
_struct_ref_seq.pdbx_seq_align_end_ins_code   ? 
_struct_ref_seq.pdbx_db_accession             P9WNR9 
_struct_ref_seq.db_align_beg                  1 
_struct_ref_seq.pdbx_db_align_beg_ins_code    ? 
_struct_ref_seq.db_align_end                  133 
_struct_ref_seq.pdbx_db_align_end_ins_code    ? 
_struct_ref_seq.pdbx_auth_seq_align_beg       1 
_struct_ref_seq.pdbx_auth_seq_align_end       133 
# 
loop_
_struct_ref_seq_dif.align_id 
_struct_ref_seq_dif.pdbx_pdb_id_code 
_struct_ref_seq_dif.mon_id 
_struct_ref_seq_dif.pdbx_pdb_strand_id 
_struct_ref_seq_dif.seq_num 
_struct_ref_seq_dif.pdbx_pdb_ins_code 
_struct_ref_seq_dif.pdbx_seq_db_name 
_struct_ref_seq_dif.pdbx_seq_db_accession_code 
_struct_ref_seq_dif.db_mon_id 
_struct_ref_seq_dif.pdbx_seq_db_seq_num 
_struct_ref_seq_dif.details 
_struct_ref_seq_dif.pdbx_auth_seq_num 
_struct_ref_seq_dif.pdbx_ordinal 
1 5YRX HIS A 1 ? UNP P9WNR9 ? ? 'expression tag' -5 1 
1 5YRX HIS A 2 ? UNP P9WNR9 ? ? 'expression tag' -4 2 
1 5YRX HIS A 3 ? UNP P9WNR9 ? ? 'expression tag' -3 3 
1 5YRX HIS A 4 ? UNP P9WNR9 ? ? 'expression tag' -2 4 
1 5YRX HIS A 5 ? UNP P9WNR9 ? ? 'expression tag' -1 5 
1 5YRX HIS A 6 ? UNP P9WNR9 ? ? 'expression tag' 0  6 
# 
loop_
_chem_comp.id 
_chem_comp.type 
_chem_comp.mon_nstd_flag 
_chem_comp.name 
_chem_comp.pdbx_synonyms 
_chem_comp.formula 
_chem_comp.formula_weight 
ALA 'L-peptide linking' y ALANINE         ?                 'C3 H7 N O2'     89.093  
ARG 'L-peptide linking' y ARGININE        ?                 'C6 H15 N4 O2 1' 175.209 
ASN 'L-peptide linking' y ASPARAGINE      ?                 'C4 H8 N2 O3'    132.118 
ASP 'L-peptide linking' y 'ASPARTIC ACID' ?                 'C4 H7 N O4'     133.103 
CD  non-polymer         . 'CADMIUM ION'   ?                 'Cd 2'           112.411 
EDO non-polymer         . 1,2-ETHANEDIOL  'ETHYLENE GLYCOL' 'C2 H6 O2'       62.068  
GLN 'L-peptide linking' y GLUTAMINE       ?                 'C5 H10 N2 O3'   146.144 
GLU 'L-peptide linking' y 'GLUTAMIC ACID' ?                 'C5 H9 N O4'     147.129 
GLY 'peptide linking'   y GLYCINE         ?                 'C2 H5 N O2'     75.067  
HIS 'L-peptide linking' y HISTIDINE       ?                 'C6 H10 N3 O2 1' 156.162 
HOH non-polymer         . WATER           ?                 'H2 O'           18.015  
ILE 'L-peptide linking' y ISOLEUCINE      ?                 'C6 H13 N O2'    131.173 
LEU 'L-peptide linking' y LEUCINE         ?                 'C6 H13 N O2'    131.173 
LYS 'L-peptide linking' y LYSINE          ?                 'C6 H15 N2 O2 1' 147.195 
MET 'L-peptide linking' y METHIONINE      ?                 'C5 H11 N O2 S'  149.211 
PRO 'L-peptide linking' y PROLINE         ?                 'C5 H9 N O2'     115.130 
SER 'L-peptide linking' y SERINE          ?                 'C3 H7 N O3'     105.093 
THR 'L-peptide linking' y THREONINE       ?                 'C4 H9 N O3'     119.119 
VAL 'L-peptide linking' y VALINE          ?                 'C5 H11 N O2'    117.146 
# 
_exptl.absorpt_coefficient_mu     ? 
_exptl.absorpt_correction_T_max   ? 
_exptl.absorpt_correction_T_min   ? 
_exptl.absorpt_correction_type    ? 
_exptl.absorpt_process_details    ? 
_exptl.entry_id                   5YRX 
_exptl.crystals_number            1 
_exptl.details                    ? 
_exptl.method                     'X-RAY DIFFRACTION' 
_exptl.method_details             ? 
# 
_exptl_crystal.colour                      ? 
_exptl_crystal.density_diffrn              ? 
_exptl_crystal.density_Matthews            2.31 
_exptl_crystal.density_method              ? 
_exptl_crystal.density_percent_sol         41.88 
_exptl_crystal.description                 ? 
_exptl_crystal.F_000                       ? 
_exptl_crystal.id                          1 
_exptl_crystal.preparation                 ? 
_exptl_crystal.size_max                    ? 
_exptl_crystal.size_mid                    ? 
_exptl_crystal.size_min                    ? 
_exptl_crystal.size_rad                    ? 
_exptl_crystal.colour_lustre               ? 
_exptl_crystal.colour_modifier             ? 
_exptl_crystal.colour_primary              ? 
_exptl_crystal.density_meas                ? 
_exptl_crystal.density_meas_esd            ? 
_exptl_crystal.density_meas_gt             ? 
_exptl_crystal.density_meas_lt             ? 
_exptl_crystal.density_meas_temp           ? 
_exptl_crystal.density_meas_temp_esd       ? 
_exptl_crystal.density_meas_temp_gt        ? 
_exptl_crystal.density_meas_temp_lt        ? 
_exptl_crystal.pdbx_crystal_image_url      ? 
_exptl_crystal.pdbx_crystal_image_format   ? 
_exptl_crystal.pdbx_mosaicity              ? 
_exptl_crystal.pdbx_mosaicity_esd          ? 
# 
_exptl_crystal_grow.apparatus       ? 
_exptl_crystal_grow.atmosphere      ? 
_exptl_crystal_grow.crystal_id      1 
_exptl_crystal_grow.details         ? 
_exptl_crystal_grow.method          'BATCH MODE' 
_exptl_crystal_grow.method_ref      ? 
_exptl_crystal_grow.pH              5.5 
_exptl_crystal_grow.pressure        ? 
_exptl_crystal_grow.pressure_esd    ? 
_exptl_crystal_grow.seeding         ? 
_exptl_crystal_grow.seeding_ref     ? 
_exptl_crystal_grow.temp            293 
_exptl_crystal_grow.temp_details    ? 
_exptl_crystal_grow.temp_esd        ? 
_exptl_crystal_grow.time            ? 
_exptl_crystal_grow.pdbx_details    
'20mM Sodium phosphate pH 5.5 0.1M Cadmium chloride 0.1M Magnesium chloride 0.1M Nickel chloride 24% PEG 4000' 
_exptl_crystal_grow.pdbx_pH_range   ? 
# 
_diffrn.ambient_environment    ? 
_diffrn.ambient_temp           100 
_diffrn.ambient_temp_details   ? 
_diffrn.ambient_temp_esd       ? 
_diffrn.crystal_id             1 
_diffrn.crystal_support        ? 
_diffrn.crystal_treatment      ? 
_diffrn.details                ? 
_diffrn.id                     1 
_diffrn.ambient_pressure       ? 
_diffrn.ambient_pressure_esd   ? 
_diffrn.ambient_pressure_gt    ? 
_diffrn.ambient_pressure_lt    ? 
_diffrn.ambient_temp_gt        ? 
_diffrn.ambient_temp_lt        ? 
# 
_diffrn_detector.details                      ? 
_diffrn_detector.detector                     'IMAGE PLATE' 
_diffrn_detector.diffrn_id                    1 
_diffrn_detector.type                         'MAR scanner 345 mm plate' 
_diffrn_detector.area_resol_mean              ? 
_diffrn_detector.dtime                        ? 
_diffrn_detector.pdbx_frames_total            ? 
_diffrn_detector.pdbx_collection_time_total   ? 
_diffrn_detector.pdbx_collection_date         2017-07-02 
# 
_diffrn_radiation.collimation                      ? 
_diffrn_radiation.diffrn_id                        1 
_diffrn_radiation.filter_edge                      ? 
_diffrn_radiation.inhomogeneity                    ? 
_diffrn_radiation.monochromator                    ? 
_diffrn_radiation.polarisn_norm                    ? 
_diffrn_radiation.polarisn_ratio                   ? 
_diffrn_radiation.probe                            ? 
_diffrn_radiation.type                             ? 
_diffrn_radiation.xray_symbol                      ? 
_diffrn_radiation.wavelength_id                    1 
_diffrn_radiation.pdbx_monochromatic_or_laue_m_l   M 
_diffrn_radiation.pdbx_wavelength_list             ? 
_diffrn_radiation.pdbx_wavelength                  ? 
_diffrn_radiation.pdbx_diffrn_protocol             'SINGLE WAVELENGTH' 
_diffrn_radiation.pdbx_analyzer                    ? 
_diffrn_radiation.pdbx_scattering_type             x-ray 
# 
_diffrn_radiation_wavelength.id           1 
_diffrn_radiation_wavelength.wavelength   1.54 
_diffrn_radiation_wavelength.wt           1.0 
# 
_diffrn_source.current                     ? 
_diffrn_source.details                     ? 
_diffrn_source.diffrn_id                   1 
_diffrn_source.power                       ? 
_diffrn_source.size                        ? 
_diffrn_source.source                      'ROTATING ANODE' 
_diffrn_source.target                      ? 
_diffrn_source.type                        RIGAKU 
_diffrn_source.voltage                     ? 
_diffrn_source.take-off_angle              ? 
_diffrn_source.pdbx_wavelength_list        1.54 
_diffrn_source.pdbx_wavelength             ? 
_diffrn_source.pdbx_synchrotron_beamline   ? 
_diffrn_source.pdbx_synchrotron_site       ? 
# 
_reflns.B_iso_Wilson_estimate            14.8 
_reflns.entry_id                         5YRX 
_reflns.data_reduction_details           ? 
_reflns.data_reduction_method            ? 
_reflns.d_resolution_high                1.90 
_reflns.d_resolution_low                 37.25 
_reflns.details                          ? 
_reflns.limit_h_max                      ? 
_reflns.limit_h_min                      ? 
_reflns.limit_k_max                      ? 
_reflns.limit_k_min                      ? 
_reflns.limit_l_max                      ? 
_reflns.limit_l_min                      ? 
_reflns.number_all                       ? 
_reflns.number_obs                       9968 
_reflns.observed_criterion               ? 
_reflns.observed_criterion_F_max         ? 
_reflns.observed_criterion_F_min         ? 
_reflns.observed_criterion_I_max         ? 
_reflns.observed_criterion_I_min         ? 
_reflns.observed_criterion_sigma_F       ? 
_reflns.observed_criterion_sigma_I       ? 
_reflns.percent_possible_obs             99.9 
_reflns.R_free_details                   ? 
_reflns.Rmerge_F_all                     ? 
_reflns.Rmerge_F_obs                     ? 
_reflns.Friedel_coverage                 ? 
_reflns.number_gt                        ? 
_reflns.threshold_expression             ? 
_reflns.pdbx_redundancy                  13.7 
_reflns.pdbx_Rmerge_I_obs                0.080 
_reflns.pdbx_Rmerge_I_all                ? 
_reflns.pdbx_Rsym_value                  0.031 
_reflns.pdbx_netI_over_av_sigmaI         ? 
_reflns.pdbx_netI_over_sigmaI            24.6 
_reflns.pdbx_res_netI_over_av_sigmaI_2   ? 
_reflns.pdbx_res_netI_over_sigmaI_2      ? 
_reflns.pdbx_chi_squared                 ? 
_reflns.pdbx_scaling_rejects             ? 
_reflns.pdbx_d_res_high_opt              ? 
_reflns.pdbx_d_res_low_opt               ? 
_reflns.pdbx_d_res_opt_method            ? 
_reflns.phase_calculation_details        ? 
_reflns.pdbx_Rrim_I_all                  0.086 
_reflns.pdbx_Rpim_I_all                  0.025 
_reflns.pdbx_d_opt                       ? 
_reflns.pdbx_number_measured_all         ? 
_reflns.pdbx_diffrn_id                   1 
_reflns.pdbx_ordinal                     1 
_reflns.pdbx_CC_half                     0.997 
_reflns.pdbx_R_split                     ? 
# 
_reflns_shell.d_res_high                  1.90 
_reflns_shell.d_res_low                   1.94 
_reflns_shell.meanI_over_sigI_all         ? 
_reflns_shell.meanI_over_sigI_obs         12.1 
_reflns_shell.number_measured_all         ? 
_reflns_shell.number_measured_obs         ? 
_reflns_shell.number_possible             ? 
_reflns_shell.number_unique_all           ? 
_reflns_shell.number_unique_obs           625 
_reflns_shell.percent_possible_all        100 
_reflns_shell.percent_possible_obs        ? 
_reflns_shell.Rmerge_F_all                ? 
_reflns_shell.Rmerge_F_obs                ? 
_reflns_shell.Rmerge_I_all                ? 
_reflns_shell.Rmerge_I_obs                0.227 
_reflns_shell.meanI_over_sigI_gt          ? 
_reflns_shell.meanI_over_uI_all           ? 
_reflns_shell.meanI_over_uI_gt            ? 
_reflns_shell.number_measured_gt          ? 
_reflns_shell.number_unique_gt            ? 
_reflns_shell.percent_possible_gt         ? 
_reflns_shell.Rmerge_F_gt                 ? 
_reflns_shell.Rmerge_I_gt                 ? 
_reflns_shell.pdbx_redundancy             13.5 
_reflns_shell.pdbx_Rsym_value             0.239 
_reflns_shell.pdbx_chi_squared            ? 
_reflns_shell.pdbx_netI_over_sigmaI_all   ? 
_reflns_shell.pdbx_netI_over_sigmaI_obs   ? 
_reflns_shell.pdbx_Rrim_I_all             0.244 
_reflns_shell.pdbx_Rpim_I_all             0.091 
_reflns_shell.pdbx_rejects                ? 
_reflns_shell.pdbx_ordinal                1 
_reflns_shell.pdbx_diffrn_id              1 
_reflns_shell.pdbx_CC_half                0.985 
_reflns_shell.pdbx_R_split                ? 
# 
_refine.aniso_B[1][1]                            -0.31 
_refine.aniso_B[1][2]                            -0.00 
_refine.aniso_B[1][3]                            -0.00 
_refine.aniso_B[2][2]                            1.57 
_refine.aniso_B[2][3]                            0.00 
_refine.aniso_B[3][3]                            -1.27 
_refine.B_iso_max                                ? 
_refine.B_iso_mean                               31.881 
_refine.B_iso_min                                ? 
_refine.correlation_coeff_Fo_to_Fc               0.945 
_refine.correlation_coeff_Fo_to_Fc_free          0.904 
_refine.details                                  'HYDROGENS HAVE BEEN ADDED IN THE RIDING POSITIONS' 
_refine.diff_density_max                         ? 
_refine.diff_density_max_esd                     ? 
_refine.diff_density_min                         ? 
_refine.diff_density_min_esd                     ? 
_refine.diff_density_rms                         ? 
_refine.diff_density_rms_esd                     ? 
_refine.entry_id                                 5YRX 
_refine.pdbx_refine_id                           'X-RAY DIFFRACTION' 
_refine.ls_abs_structure_details                 ? 
_refine.ls_abs_structure_Flack                   ? 
_refine.ls_abs_structure_Flack_esd               ? 
_refine.ls_abs_structure_Rogers                  ? 
_refine.ls_abs_structure_Rogers_esd              ? 
_refine.ls_d_res_high                            1.90 
_refine.ls_d_res_low                             32.00 
_refine.ls_extinction_coef                       ? 
_refine.ls_extinction_coef_esd                   ? 
_refine.ls_extinction_expression                 ? 
_refine.ls_extinction_method                     ? 
_refine.ls_goodness_of_fit_all                   ? 
_refine.ls_goodness_of_fit_all_esd               ? 
_refine.ls_goodness_of_fit_obs                   ? 
_refine.ls_goodness_of_fit_obs_esd               ? 
_refine.ls_hydrogen_treatment                    ? 
_refine.ls_matrix_type                           ? 
_refine.ls_number_constraints                    ? 
_refine.ls_number_parameters                     ? 
_refine.ls_number_reflns_all                     ? 
_refine.ls_number_reflns_obs                     9467 
_refine.ls_number_reflns_R_free                  464 
_refine.ls_number_reflns_R_work                  ? 
_refine.ls_number_restraints                     ? 
_refine.ls_percent_reflns_obs                    99.63 
_refine.ls_percent_reflns_R_free                 4.7 
_refine.ls_R_factor_all                          ? 
_refine.ls_R_factor_obs                          0.17423 
_refine.ls_R_factor_R_free                       0.21594 
_refine.ls_R_factor_R_free_error                 ? 
_refine.ls_R_factor_R_free_error_details         ? 
_refine.ls_R_factor_R_work                       0.17215 
_refine.ls_R_Fsqd_factor_obs                     ? 
_refine.ls_R_I_factor_obs                        ? 
_refine.ls_redundancy_reflns_all                 ? 
_refine.ls_redundancy_reflns_obs                 ? 
_refine.ls_restrained_S_all                      ? 
_refine.ls_restrained_S_obs                      ? 
_refine.ls_shift_over_esd_max                    ? 
_refine.ls_shift_over_esd_mean                   ? 
_refine.ls_structure_factor_coef                 ? 
_refine.ls_weighting_details                     ? 
_refine.ls_weighting_scheme                      ? 
_refine.ls_wR_factor_all                         ? 
_refine.ls_wR_factor_obs                         ? 
_refine.ls_wR_factor_R_free                      ? 
_refine.ls_wR_factor_R_work                      ? 
_refine.occupancy_max                            ? 
_refine.occupancy_min                            ? 
_refine.solvent_model_details                    ? 
_refine.solvent_model_param_bsol                 ? 
_refine.solvent_model_param_ksol                 ? 
_refine.ls_R_factor_gt                           ? 
_refine.ls_goodness_of_fit_gt                    ? 
_refine.ls_goodness_of_fit_ref                   ? 
_refine.ls_shift_over_su_max                     ? 
_refine.ls_shift_over_su_max_lt                  ? 
_refine.ls_shift_over_su_mean                    ? 
_refine.ls_shift_over_su_mean_lt                 ? 
_refine.pdbx_ls_sigma_I                          ? 
_refine.pdbx_ls_sigma_F                          ? 
_refine.pdbx_ls_sigma_Fsqd                       ? 
_refine.pdbx_data_cutoff_high_absF               ? 
_refine.pdbx_data_cutoff_high_rms_absF           ? 
_refine.pdbx_data_cutoff_low_absF                ? 
_refine.pdbx_isotropic_thermal_model             ? 
_refine.pdbx_ls_cross_valid_method               THROUGHOUT 
_refine.pdbx_method_to_determine_struct          'MOLECULAR REPLACEMENT' 
_refine.pdbx_starting_model                      1YBX 
_refine.pdbx_stereochemistry_target_values       ? 
_refine.pdbx_R_Free_selection_details            RANDOM 
_refine.pdbx_stereochem_target_val_spec_case     ? 
_refine.pdbx_overall_ESU_R                       0.093 
_refine.pdbx_overall_ESU_R_Free                  0.102 
_refine.pdbx_solvent_vdw_probe_radii             1.20 
_refine.pdbx_solvent_ion_probe_radii             0.80 
_refine.pdbx_solvent_shrinkage_radii             0.80 
_refine.pdbx_real_space_R                        ? 
_refine.pdbx_density_correlation                 ? 
_refine.pdbx_pd_number_of_powder_patterns        ? 
_refine.pdbx_pd_number_of_points                 ? 
_refine.pdbx_pd_meas_number_of_points            ? 
_refine.pdbx_pd_proc_ls_prof_R_factor            ? 
_refine.pdbx_pd_proc_ls_prof_wR_factor           ? 
_refine.pdbx_pd_Marquardt_correlation_coeff      ? 
_refine.pdbx_pd_Fsqrd_R_factor                   ? 
_refine.pdbx_pd_ls_matrix_band_width             ? 
_refine.pdbx_overall_phase_error                 ? 
_refine.pdbx_overall_SU_R_free_Cruickshank_DPI   ? 
_refine.pdbx_overall_SU_R_free_Blow_DPI          ? 
_refine.pdbx_overall_SU_R_Blow_DPI               ? 
_refine.pdbx_TLS_residual_ADP_flag               ? 
_refine.pdbx_diffrn_id                           1 
_refine.overall_SU_B                             1.760 
_refine.overall_SU_ML                            0.055 
_refine.overall_SU_R_Cruickshank_DPI             ? 
_refine.overall_SU_R_free                        ? 
_refine.overall_FOM_free_R_set                   ? 
_refine.overall_FOM_work_R_set                   ? 
_refine.pdbx_average_fsc_overall                 ? 
_refine.pdbx_average_fsc_work                    ? 
_refine.pdbx_average_fsc_free                    ? 
# 
_refine_hist.pdbx_refine_id                   'X-RAY DIFFRACTION' 
_refine_hist.cycle_id                         1 
_refine_hist.pdbx_number_atoms_protein        482 
_refine_hist.pdbx_number_atoms_nucleic_acid   0 
_refine_hist.pdbx_number_atoms_ligand         13 
_refine_hist.number_atoms_solvent             62 
_refine_hist.number_atoms_total               557 
_refine_hist.d_res_high                       1.90 
_refine_hist.d_res_low                        32.00 
# 
loop_
_refine_ls_restr.pdbx_refine_id 
_refine_ls_restr.criterion 
_refine_ls_restr.dev_ideal 
_refine_ls_restr.dev_ideal_target 
_refine_ls_restr.number 
_refine_ls_restr.rejects 
_refine_ls_restr.type 
_refine_ls_restr.weight 
_refine_ls_restr.pdbx_restraint_function 
'X-RAY DIFFRACTION' ? 0.024  0.019  500  ? r_bond_refined_d             ? ? 
'X-RAY DIFFRACTION' ? 0.002  0.020  501  ? r_bond_other_d               ? ? 
'X-RAY DIFFRACTION' ? 2.282  1.992  675  ? r_angle_refined_deg          ? ? 
'X-RAY DIFFRACTION' ? 1.169  3.000  1145 ? r_angle_other_deg            ? ? 
'X-RAY DIFFRACTION' ? 8.188  5.000  72   ? r_dihedral_angle_1_deg       ? ? 
'X-RAY DIFFRACTION' ? 32.710 28.000 15   ? r_dihedral_angle_2_deg       ? ? 
'X-RAY DIFFRACTION' ? 15.229 15.000 79   ? r_dihedral_angle_3_deg       ? ? 
'X-RAY DIFFRACTION' ? 14.011 15.000 1    ? r_dihedral_angle_4_deg       ? ? 
'X-RAY DIFFRACTION' ? 0.159  0.200  87   ? r_chiral_restr               ? ? 
'X-RAY DIFFRACTION' ? 0.010  0.020  570  ? r_gen_planes_refined         ? ? 
'X-RAY DIFFRACTION' ? 0.002  0.020  85   ? r_gen_planes_other           ? ? 
'X-RAY DIFFRACTION' ? ?      ?      ?    ? r_nbd_refined                ? ? 
'X-RAY DIFFRACTION' ? ?      ?      ?    ? r_nbd_other                  ? ? 
'X-RAY DIFFRACTION' ? ?      ?      ?    ? r_nbtor_refined              ? ? 
'X-RAY DIFFRACTION' ? ?      ?      ?    ? r_nbtor_other                ? ? 
'X-RAY DIFFRACTION' ? ?      ?      ?    ? r_xyhbond_nbd_refined        ? ? 
'X-RAY DIFFRACTION' ? ?      ?      ?    ? r_xyhbond_nbd_other          ? ? 
'X-RAY DIFFRACTION' ? ?      ?      ?    ? r_metal_ion_refined          ? ? 
'X-RAY DIFFRACTION' ? ?      ?      ?    ? r_metal_ion_other            ? ? 
'X-RAY DIFFRACTION' ? ?      ?      ?    ? r_symmetry_vdw_refined       ? ? 
'X-RAY DIFFRACTION' ? ?      ?      ?    ? r_symmetry_vdw_other         ? ? 
'X-RAY DIFFRACTION' ? ?      ?      ?    ? r_symmetry_hbond_refined     ? ? 
'X-RAY DIFFRACTION' ? ?      ?      ?    ? r_symmetry_hbond_other       ? ? 
'X-RAY DIFFRACTION' ? ?      ?      ?    ? r_symmetry_metal_ion_refined ? ? 
'X-RAY DIFFRACTION' ? ?      ?      ?    ? r_symmetry_metal_ion_other   ? ? 
'X-RAY DIFFRACTION' ? 3.439  3.228  285  ? r_mcbond_it                  ? ? 
'X-RAY DIFFRACTION' ? 3.407  3.213  284  ? r_mcbond_other               ? ? 
'X-RAY DIFFRACTION' ? 4.774  4.793  355  ? r_mcangle_it                 ? ? 
'X-RAY DIFFRACTION' ? 4.777  4.813  356  ? r_mcangle_other              ? ? 
'X-RAY DIFFRACTION' ? 4.902  3.276  215  ? r_scbond_it                  ? ? 
'X-RAY DIFFRACTION' ? 4.906  3.275  215  ? r_scbond_other               ? ? 
'X-RAY DIFFRACTION' ? ?      ?      ?    ? r_scangle_it                 ? ? 
'X-RAY DIFFRACTION' ? 7.057  4.778  320  ? r_scangle_other              ? ? 
'X-RAY DIFFRACTION' ? 9.208  25.398 612  ? r_long_range_B_refined       ? ? 
'X-RAY DIFFRACTION' ? 9.108  24.911 583  ? r_long_range_B_other         ? ? 
'X-RAY DIFFRACTION' ? ?      ?      ?    ? r_rigid_bond_restr           ? ? 
'X-RAY DIFFRACTION' ? ?      ?      ?    ? r_sphericity_free            ? ? 
'X-RAY DIFFRACTION' ? ?      ?      ?    ? r_sphericity_bonded          ? ? 
# 
_refine_ls_shell.pdbx_refine_id                   'X-RAY DIFFRACTION' 
_refine_ls_shell.d_res_high                       1.900 
_refine_ls_shell.d_res_low                        1.949 
_refine_ls_shell.number_reflns_all                ? 
_refine_ls_shell.number_reflns_obs                ? 
_refine_ls_shell.number_reflns_R_free             28 
_refine_ls_shell.number_reflns_R_work             692 
_refine_ls_shell.percent_reflns_obs               100.00 
_refine_ls_shell.percent_reflns_R_free            ? 
_refine_ls_shell.R_factor_all                     ? 
_refine_ls_shell.R_factor_obs                     ? 
_refine_ls_shell.R_factor_R_free                  0.153 
_refine_ls_shell.R_factor_R_free_error            ? 
_refine_ls_shell.R_factor_R_work                  0.166 
_refine_ls_shell.redundancy_reflns_all            ? 
_refine_ls_shell.redundancy_reflns_obs            ? 
_refine_ls_shell.wR_factor_all                    ? 
_refine_ls_shell.wR_factor_obs                    ? 
_refine_ls_shell.wR_factor_R_free                 ? 
_refine_ls_shell.wR_factor_R_work                 ? 
_refine_ls_shell.pdbx_total_number_of_bins_used   20 
_refine_ls_shell.pdbx_phase_error                 ? 
_refine_ls_shell.pdbx_fsc_work                    ? 
_refine_ls_shell.pdbx_fsc_free                    ? 
# 
_struct.entry_id                     5YRX 
_struct.title                        'Crystal structure of a hypothetical protein Rv3716c from Mycobacterium tuberculosis' 
_struct.pdbx_model_details           ? 
_struct.pdbx_formula_weight          ? 
_struct.pdbx_formula_weight_method   ? 
_struct.pdbx_model_type_details      ? 
_struct.pdbx_CASP_flag               N 
# 
_struct_keywords.entry_id        5YRX 
_struct_keywords.text            'MtbRv3716, DNA binding, metal ion, DNA BINDING PROTEIN' 
_struct_keywords.pdbx_keywords   'DNA BINDING PROTEIN' 
# 
loop_
_struct_asym.id 
_struct_asym.pdbx_blank_PDB_chainid_flag 
_struct_asym.pdbx_modified 
_struct_asym.entity_id 
_struct_asym.details 
A N N 1 ? 
B N N 2 ? 
C N N 3 ? 
D N N 3 ? 
E N N 3 ? 
F N N 4 ? 
# 
loop_
_struct_conf.conf_type_id 
_struct_conf.id 
_struct_conf.pdbx_PDB_helix_id 
_struct_conf.beg_label_comp_id 
_struct_conf.beg_label_asym_id 
_struct_conf.beg_label_seq_id 
_struct_conf.pdbx_beg_PDB_ins_code 
_struct_conf.end_label_comp_id 
_struct_conf.end_label_asym_id 
_struct_conf.end_label_seq_id 
_struct_conf.pdbx_end_PDB_ins_code 
_struct_conf.beg_auth_comp_id 
_struct_conf.beg_auth_asym_id 
_struct_conf.beg_auth_seq_id 
_struct_conf.end_auth_comp_id 
_struct_conf.end_auth_asym_id 
_struct_conf.end_auth_seq_id 
_struct_conf.pdbx_PDB_helix_class 
_struct_conf.details 
_struct_conf.pdbx_PDB_helix_length 
HELX_P HELX_P1 AA1 LEU A 28 ? GLN A 33 ? LEU A 22 GLN A 27 1 ? 6  
HELX_P HELX_P2 AA2 PRO A 65 ? VAL A 68 ? PRO A 59 VAL A 62 5 ? 4  
HELX_P HELX_P3 AA3 ASP A 72 ? GLN A 96 ? ASP A 66 GLN A 90 1 ? 25 
# 
_struct_conf_type.id          HELX_P 
_struct_conf_type.criteria    ? 
_struct_conf_type.reference   ? 
# 
loop_
_struct_conn.id 
_struct_conn.conn_type_id 
_struct_conn.pdbx_leaving_atom_flag 
_struct_conn.pdbx_PDB_id 
_struct_conn.ptnr1_label_asym_id 
_struct_conn.ptnr1_label_comp_id 
_struct_conn.ptnr1_label_seq_id 
_struct_conn.ptnr1_label_atom_id 
_struct_conn.pdbx_ptnr1_label_alt_id 
_struct_conn.pdbx_ptnr1_PDB_ins_code 
_struct_conn.pdbx_ptnr1_standard_comp_id 
_struct_conn.ptnr1_symmetry 
_struct_conn.ptnr2_label_asym_id 
_struct_conn.ptnr2_label_comp_id 
_struct_conn.ptnr2_label_seq_id 
_struct_conn.ptnr2_label_atom_id 
_struct_conn.pdbx_ptnr2_label_alt_id 
_struct_conn.pdbx_ptnr2_PDB_ins_code 
_struct_conn.ptnr1_auth_asym_id 
_struct_conn.ptnr1_auth_comp_id 
_struct_conn.ptnr1_auth_seq_id 
_struct_conn.ptnr2_auth_asym_id 
_struct_conn.ptnr2_auth_comp_id 
_struct_conn.ptnr2_auth_seq_id 
_struct_conn.ptnr2_symmetry 
_struct_conn.pdbx_ptnr3_label_atom_id 
_struct_conn.pdbx_ptnr3_label_seq_id 
_struct_conn.pdbx_ptnr3_label_comp_id 
_struct_conn.pdbx_ptnr3_label_asym_id 
_struct_conn.pdbx_ptnr3_label_alt_id 
_struct_conn.pdbx_ptnr3_PDB_ins_code 
_struct_conn.details 
_struct_conn.pdbx_dist_value 
_struct_conn.pdbx_value_order 
_struct_conn.pdbx_role 
metalc1 metalc ? ? A ASP 64 OD1 ? ? ? 1_555 B CD  . CD ? ? A ASP 58  A CD  201 6_354 ? ? ? ? ? ? ? 2.487 ? ? 
metalc2 metalc ? ? A ASP 64 OD2 ? ? ? 1_555 B CD  . CD ? ? A ASP 58  A CD  201 6_354 ? ? ? ? ? ? ? 2.353 ? ? 
metalc3 metalc ? ? A GLU 74 OE2 ? ? ? 1_555 B CD  . CD ? ? A GLU 68  A CD  201 1_555 ? ? ? ? ? ? ? 2.410 ? ? 
metalc4 metalc ? ? A ASP 78 OD1 ? ? ? 1_555 B CD  . CD ? ? A ASP 72  A CD  201 1_555 ? ? ? ? ? ? ? 2.675 ? ? 
metalc5 metalc ? ? A ASP 78 OD2 ? ? ? 1_555 B CD  . CD ? ? A ASP 72  A CD  201 1_555 ? ? ? ? ? ? ? 2.229 ? ? 
metalc6 metalc ? ? B CD  .  CD  ? ? ? 1_555 C EDO . O1 ? ? A CD  201 A EDO 202 6_355 ? ? ? ? ? ? ? 2.633 ? ? 
# 
_struct_conn_type.id          metalc 
_struct_conn_type.criteria    ? 
_struct_conn_type.reference   ? 
# 
_struct_sheet.id               AA1 
_struct_sheet.type             ? 
_struct_sheet.number_strands   3 
_struct_sheet.details          ? 
# 
loop_
_struct_sheet_order.sheet_id 
_struct_sheet_order.range_id_1 
_struct_sheet_order.range_id_2 
_struct_sheet_order.offset 
_struct_sheet_order.sense 
AA1 1 2 ? anti-parallel 
AA1 2 3 ? anti-parallel 
# 
loop_
_struct_sheet_range.sheet_id 
_struct_sheet_range.id 
_struct_sheet_range.beg_label_comp_id 
_struct_sheet_range.beg_label_asym_id 
_struct_sheet_range.beg_label_seq_id 
_struct_sheet_range.pdbx_beg_PDB_ins_code 
_struct_sheet_range.end_label_comp_id 
_struct_sheet_range.end_label_asym_id 
_struct_sheet_range.end_label_seq_id 
_struct_sheet_range.pdbx_end_PDB_ins_code 
_struct_sheet_range.beg_auth_comp_id 
_struct_sheet_range.beg_auth_asym_id 
_struct_sheet_range.beg_auth_seq_id 
_struct_sheet_range.end_auth_comp_id 
_struct_sheet_range.end_auth_asym_id 
_struct_sheet_range.end_auth_seq_id 
AA1 1 GLU A 38 ? ALA A 43 ? GLU A 32 ALA A 37 
AA1 2 VAL A 48 ? LYS A 53 ? VAL A 42 LYS A 47 
AA1 3 VAL A 58 ? ILE A 63 ? VAL A 52 ILE A 57 
# 
loop_
_pdbx_struct_sheet_hbond.sheet_id 
_pdbx_struct_sheet_hbond.range_id_1 
_pdbx_struct_sheet_hbond.range_id_2 
_pdbx_struct_sheet_hbond.range_1_label_atom_id 
_pdbx_struct_sheet_hbond.range_1_label_comp_id 
_pdbx_struct_sheet_hbond.range_1_label_asym_id 
_pdbx_struct_sheet_hbond.range_1_label_seq_id 
_pdbx_struct_sheet_hbond.range_1_PDB_ins_code 
_pdbx_struct_sheet_hbond.range_1_auth_atom_id 
_pdbx_struct_sheet_hbond.range_1_auth_comp_id 
_pdbx_struct_sheet_hbond.range_1_auth_asym_id 
_pdbx_struct_sheet_hbond.range_1_auth_seq_id 
_pdbx_struct_sheet_hbond.range_2_label_atom_id 
_pdbx_struct_sheet_hbond.range_2_label_comp_id 
_pdbx_struct_sheet_hbond.range_2_label_asym_id 
_pdbx_struct_sheet_hbond.range_2_label_seq_id 
_pdbx_struct_sheet_hbond.range_2_PDB_ins_code 
_pdbx_struct_sheet_hbond.range_2_auth_atom_id 
_pdbx_struct_sheet_hbond.range_2_auth_comp_id 
_pdbx_struct_sheet_hbond.range_2_auth_asym_id 
_pdbx_struct_sheet_hbond.range_2_auth_seq_id 
AA1 1 2 N VAL A 39 ? N VAL A 33 O VAL A 52 ? O VAL A 46 
AA1 2 3 N VAL A 51 ? N VAL A 45 O ILE A 59 ? O ILE A 53 
# 
loop_
_struct_site.id 
_struct_site.pdbx_evidence_code 
_struct_site.pdbx_auth_asym_id 
_struct_site.pdbx_auth_comp_id 
_struct_site.pdbx_auth_seq_id 
_struct_site.pdbx_auth_ins_code 
_struct_site.pdbx_num_residues 
_struct_site.details 
AC1 Software A CD  201 ? 4 'binding site for residue CD A 201'  
AC2 Software A EDO 202 ? 5 'binding site for residue EDO A 202' 
AC3 Software A EDO 203 ? 7 'binding site for residue EDO A 203' 
AC4 Software A EDO 204 ? 7 'binding site for residue EDO A 204' 
# 
loop_
_struct_site_gen.id 
_struct_site_gen.site_id 
_struct_site_gen.pdbx_num_res 
_struct_site_gen.label_comp_id 
_struct_site_gen.label_asym_id 
_struct_site_gen.label_seq_id 
_struct_site_gen.pdbx_auth_ins_code 
_struct_site_gen.auth_comp_id 
_struct_site_gen.auth_asym_id 
_struct_site_gen.auth_seq_id 
_struct_site_gen.label_atom_id 
_struct_site_gen.label_alt_id 
_struct_site_gen.symmetry 
_struct_site_gen.details 
1  AC1 4 ASP A 64 ? ASP A 58  . ? 6_355 ? 
2  AC1 4 GLU A 74 ? GLU A 68  . ? 1_555 ? 
3  AC1 4 ASP A 78 ? ASP A 72  . ? 1_555 ? 
4  AC1 4 EDO C .  ? EDO A 202 . ? 6_355 ? 
5  AC2 5 ASP A 64 ? ASP A 58  . ? 1_555 ? 
6  AC2 5 PRO A 65 ? PRO A 59  . ? 1_555 ? 
7  AC2 5 LYS A 66 ? LYS A 60  . ? 1_555 ? 
8  AC2 5 ASP A 78 ? ASP A 72  . ? 6_354 ? 
9  AC2 5 CD  B .  ? CD  A 201 . ? 6_354 ? 
10 AC3 7 HIS A 40 ? HIS A 34  . ? 1_555 ? 
11 AC3 7 GLY A 41 ? GLY A 35  . ? 1_555 ? 
12 AC3 7 LYS A 49 ? LYS A 43  . ? 1_555 ? 
13 AC3 7 VAL A 50 ? VAL A 44  . ? 1_555 ? 
14 AC3 7 VAL A 51 ? VAL A 45  . ? 1_555 ? 
15 AC3 7 HOH F .  ? HOH A 303 . ? 1_555 ? 
16 AC3 7 HOH F .  ? HOH A 305 . ? 1_555 ? 
17 AC4 7 GLY A 56 ? GLY A 50  . ? 1_555 ? 
18 AC4 7 GLU A 57 ? GLU A 51  . ? 1_555 ? 
19 AC4 7 VAL A 58 ? VAL A 52  . ? 1_555 ? 
20 AC4 7 MET A 84 ? MET A 78  . ? 3_457 ? 
21 AC4 7 ARG A 85 ? ARG A 79  . ? 3_457 ? 
22 AC4 7 SER A 88 ? SER A 82  . ? 3_457 ? 
23 AC4 7 HOH F .  ? HOH A 320 . ? 3_457 ? 
# 
_atom_sites.entry_id                    5YRX 
_atom_sites.fract_transf_matrix[1][1]   -0.02273500 
_atom_sites.fract_transf_matrix[1][2]   0.00430530 
_atom_sites.fract_transf_matrix[1][3]   -0.01660748 
_atom_sites.fract_transf_matrix[2][1]   -0.00066166 
_atom_sites.fract_transf_matrix[2][2]   0.00493941 
_atom_sites.fract_transf_matrix[2][3]   0.00218627 
_atom_sites.fract_transf_matrix[3][1]   0.01583816 
_atom_sites.fract_transf_matrix[3][2]   0.01051214 
_atom_sites.fract_transf_matrix[3][3]   -0.01895667 
_atom_sites.fract_transf_vector[1]      -0.624702 
_atom_sites.fract_transf_vector[2]      0.178462 
_atom_sites.fract_transf_vector[3]      1.102561 
# 
loop_
_atom_type.symbol 
C  
CD 
N  
O  
S  
# 
loop_
_atom_site.group_PDB 
_atom_site.id 
_atom_site.type_symbol 
_atom_site.label_atom_id 
_atom_site.label_alt_id 
_atom_site.label_comp_id 
_atom_site.label_asym_id 
_atom_site.label_entity_id 
_atom_site.label_seq_id 
_atom_site.pdbx_PDB_ins_code 
_atom_site.Cartn_x 
_atom_site.Cartn_y 
_atom_site.Cartn_z 
_atom_site.occupancy 
_atom_site.B_iso_or_equiv 
_atom_site.pdbx_formal_charge 
_atom_site.auth_seq_id 
_atom_site.auth_comp_id 
_atom_site.auth_asym_id 
_atom_site.auth_atom_id 
_atom_site.pdbx_PDB_model_num 
ATOM   1   N  N   . LEU A 1 28 ? -3.237  -25.441 -6.091  1.00 81.83 ? 22  LEU A N   1 
ATOM   2   C  CA  . LEU A 1 28 ? -2.637  -24.092 -5.847  1.00 72.03 ? 22  LEU A CA  1 
ATOM   3   C  C   . LEU A 1 28 ? -2.955  -23.012 -6.906  1.00 71.41 ? 22  LEU A C   1 
ATOM   4   O  O   . LEU A 1 28 ? -2.341  -21.939 -6.888  1.00 72.57 ? 22  LEU A O   1 
ATOM   5   C  CB  . LEU A 1 28 ? -1.123  -24.189 -5.591  1.00 71.06 ? 22  LEU A CB  1 
ATOM   6   C  CG  . LEU A 1 28 ? -0.086  -24.609 -6.639  1.00 66.00 ? 22  LEU A CG  1 
ATOM   7   C  CD1 . LEU A 1 28 ? -0.162  -23.770 -7.899  1.00 66.78 ? 22  LEU A CD1 1 
ATOM   8   C  CD2 . LEU A 1 28 ? 1.308   -24.510 -6.027  1.00 64.82 ? 22  LEU A CD2 1 
ATOM   9   N  N   . GLU A 1 29 ? -3.905  -23.287 -7.809  1.00 66.11 ? 23  GLU A N   1 
ATOM   10  C  CA  . GLU A 1 29 ? -4.671  -22.237 -8.508  1.00 71.20 ? 23  GLU A CA  1 
ATOM   11  C  C   . GLU A 1 29 ? -5.654  -21.599 -7.492  1.00 73.75 ? 23  GLU A C   1 
ATOM   12  O  O   . GLU A 1 29 ? -6.114  -20.465 -7.654  1.00 72.96 ? 23  GLU A O   1 
ATOM   13  C  CB  . GLU A 1 29 ? -5.413  -22.803 -9.744  1.00 68.03 ? 23  GLU A CB  1 
ATOM   14  N  N   . ALA A 1 30 ? -5.969  -22.361 -6.446  1.00 74.26 ? 24  ALA A N   1 
ATOM   15  C  CA  . ALA A 1 30 ? -6.639  -21.855 -5.247  1.00 77.17 ? 24  ALA A CA  1 
ATOM   16  C  C   . ALA A 1 30 ? -5.794  -20.753 -4.575  1.00 72.81 ? 24  ALA A C   1 
ATOM   17  O  O   . ALA A 1 30 ? -6.316  -19.693 -4.238  1.00 71.66 ? 24  ALA A O   1 
ATOM   18  C  CB  . ALA A 1 30 ? -6.907  -23.009 -4.268  1.00 72.37 ? 24  ALA A CB  1 
ATOM   19  N  N   . GLN A 1 31 ? -4.500  -21.026 -4.385  1.00 67.95 ? 25  GLN A N   1 
ATOM   20  C  CA  . GLN A 1 31 ? -3.522  -20.042 -3.903  1.00 64.18 ? 25  GLN A CA  1 
ATOM   21  C  C   . GLN A 1 31 ? -3.404  -18.813 -4.825  1.00 65.20 ? 25  GLN A C   1 
ATOM   22  O  O   . GLN A 1 31 ? -3.282  -17.700 -4.320  1.00 75.72 ? 25  GLN A O   1 
ATOM   23  C  CB  . GLN A 1 31 ? -2.140  -20.689 -3.703  1.00 57.95 ? 25  GLN A CB  1 
ATOM   24  N  N   . GLN A 1 32 ? -3.451  -18.997 -6.146  1.00 60.59 ? 26  GLN A N   1 
ATOM   25  C  CA  . GLN A 1 32 ? -3.475  -17.866 -7.094  1.00 66.75 ? 26  GLN A CA  1 
ATOM   26  C  C   . GLN A 1 32 ? -4.645  -16.905 -6.835  1.00 69.30 ? 26  GLN A C   1 
ATOM   27  O  O   . GLN A 1 32 ? -4.458  -15.696 -6.935  1.00 67.03 ? 26  GLN A O   1 
ATOM   28  C  CB  . GLN A 1 32 ? -3.484  -18.319 -8.569  1.00 66.89 ? 26  GLN A CB  1 
ATOM   29  N  N   . GLN A 1 33 ? -5.825  -17.411 -6.474  1.00 68.60 ? 27  GLN A N   1 
ATOM   30  C  CA  . GLN A 1 33 ? -6.933  -16.536 -6.069  1.00 71.93 ? 27  GLN A CA  1 
ATOM   31  C  C   . GLN A 1 33 ? -6.799  -15.913 -4.636  1.00 78.47 ? 27  GLN A C   1 
ATOM   32  O  O   . GLN A 1 33 ? -7.806  -15.658 -4.001  1.00 82.53 ? 27  GLN A O   1 
ATOM   33  C  CB  . GLN A 1 33 ? -8.267  -17.253 -6.245  1.00 70.10 ? 27  GLN A CB  1 
ATOM   34  N  N   . LEU A 1 34 ? -5.557  -15.716 -4.146  1.00 82.25 ? 28  LEU A N   1 
ATOM   35  C  CA  . LEU A 1 34 ? -5.153  -14.640 -3.168  1.00 65.53 ? 28  LEU A CA  1 
ATOM   36  C  C   . LEU A 1 34 ? -4.809  -13.275 -3.875  1.00 64.77 ? 28  LEU A C   1 
ATOM   37  O  O   . LEU A 1 34 ? -4.415  -12.263 -3.245  1.00 63.30 ? 28  LEU A O   1 
ATOM   38  C  CB  . LEU A 1 34 ? -3.933  -15.073 -2.369  1.00 65.29 ? 28  LEU A CB  1 
ATOM   39  C  CG  . LEU A 1 34 ? -2.516  -14.559 -2.734  1.00 70.84 ? 28  LEU A CG  1 
ATOM   40  C  CD1 . LEU A 1 34 ? -1.453  -15.329 -1.957  1.00 68.00 ? 28  LEU A CD1 1 
ATOM   41  C  CD2 . LEU A 1 34 ? -2.172  -14.565 -4.219  1.00 73.46 ? 28  LEU A CD2 1 
ATOM   42  N  N   . ALA A 1 35 ? -4.905  -13.292 -5.197  1.00 56.90 ? 29  ALA A N   1 
ATOM   43  C  CA  . ALA A 1 35 ? -5.233  -12.131 -5.996  1.00 56.78 ? 29  ALA A CA  1 
ATOM   44  C  C   . ALA A 1 35 ? -6.388  -11.329 -5.369  1.00 52.23 ? 29  ALA A C   1 
ATOM   45  O  O   . ALA A 1 35 ? -6.411  -10.120 -5.489  1.00 50.12 ? 29  ALA A O   1 
ATOM   46  C  CB  . ALA A 1 35 ? -5.602  -12.553 -7.424  1.00 58.04 ? 29  ALA A CB  1 
ATOM   47  N  N   . ASN A 1 36 ? -7.354  -11.976 -4.734  1.00 48.06 ? 30  ASN A N   1 
ATOM   48  C  CA  . ASN A 1 36 ? -8.453  -11.222 -4.117  1.00 49.96 ? 30  ASN A CA  1 
ATOM   49  C  C   . ASN A 1 36 ? -8.236  -10.875 -2.619  1.00 45.95 ? 30  ASN A C   1 
ATOM   50  O  O   . ASN A 1 36 ? -9.151  -10.361 -1.996  1.00 50.54 ? 30  ASN A O   1 
ATOM   51  C  CB  . ASN A 1 36 ? -9.813  -11.928 -4.310  1.00 52.07 ? 30  ASN A CB  1 
ATOM   52  N  N   . SER A 1 37 ? -7.075  -11.190 -2.039  1.00 41.25 ? 31  SER A N   1 
ATOM   53  C  CA  . SER A 1 37 ? -6.719  -10.709 -0.698  1.00 40.38 ? 31  SER A CA  1 
ATOM   54  C  C   . SER A 1 37 ? -6.557  -9.138  -0.790  1.00 38.74 ? 31  SER A C   1 
ATOM   55  O  O   . SER A 1 37 ? -6.145  -8.615  -1.827  1.00 37.30 ? 31  SER A O   1 
ATOM   56  C  CB  . SER A 1 37 ? -5.398  -11.349 -0.187  1.00 41.84 ? 31  SER A CB  1 
ATOM   57  N  N   . GLU A 1 38 ? -6.877  -8.456  0.302   1.00 37.42 ? 32  GLU A N   1 
ATOM   58  C  CA  . GLU A 1 38 ? -6.650  -6.991  0.475   1.00 36.66 ? 32  GLU A CA  1 
ATOM   59  C  C   . GLU A 1 38 ? -5.543  -6.895  1.415   1.00 36.38 ? 32  GLU A C   1 
ATOM   60  O  O   . GLU A 1 38 ? -5.473  -7.606  2.450   1.00 36.05 ? 32  GLU A O   1 
ATOM   61  C  CB  . GLU A 1 38 ? -7.854  -6.314  1.035   1.00 39.63 ? 32  GLU A CB  1 
ATOM   62  C  CG  . GLU A 1 38 ? -8.810  -5.995  -0.080  1.00 47.43 ? 32  GLU A CG  1 
ATOM   63  C  CD  . GLU A 1 38 ? -10.107 -5.385  0.409   1.00 48.13 ? 32  GLU A CD  1 
ATOM   64  O  OE1 . GLU A 1 38 ? -10.173 -5.020  1.600   1.00 54.77 ? 32  GLU A OE1 1 
ATOM   65  O  OE2 . GLU A 1 38 ? -11.050 -5.305  -0.415  1.00 57.76 ? 32  GLU A OE2 1 
ATOM   66  N  N   . VAL A 1 39 ? -4.571  -6.114  1.009   1.00 27.88 ? 33  VAL A N   1 
ATOM   67  C  CA  . VAL A 1 39 ? -3.367  -5.970  1.750   1.00 29.97 ? 33  VAL A CA  1 
ATOM   68  C  C   . VAL A 1 39 ? -3.217  -4.451  2.130   1.00 27.51 ? 33  VAL A C   1 
ATOM   69  O  O   . VAL A 1 39 ? -3.592  -3.577  1.327   1.00 29.67 ? 33  VAL A O   1 
ATOM   70  C  CB  . VAL A 1 39 ? -2.228  -6.450  0.830   1.00 36.95 ? 33  VAL A CB  1 
ATOM   71  C  CG1 . VAL A 1 39 ? -0.927  -6.387  1.522   1.00 38.08 ? 33  VAL A CG1 1 
ATOM   72  C  CG2 . VAL A 1 39 ? -2.469  -7.900  0.398   1.00 47.13 ? 33  VAL A CG2 1 
ATOM   73  N  N   . HIS A 1 40 ? -2.733  -4.177  3.331   1.00 30.17 ? 34  HIS A N   1 
ATOM   74  C  CA  . HIS A 1 40 ? -2.591  -2.811  3.868   1.00 30.00 ? 34  HIS A CA  1 
ATOM   75  C  C   . HIS A 1 40 ? -1.140  -2.354  3.874   1.00 29.33 ? 34  HIS A C   1 
ATOM   76  O  O   . HIS A 1 40 ? -0.289  -2.993  4.480   1.00 36.44 ? 34  HIS A O   1 
ATOM   77  C  CB  . HIS A 1 40 ? -3.208  -2.784  5.247   1.00 30.23 ? 34  HIS A CB  1 
ATOM   78  C  CG  . HIS A 1 40 ? -4.718  -2.880  5.213   1.00 36.80 ? 34  HIS A CG  1 
ATOM   79  N  ND1 . HIS A 1 40 ? -5.564  -1.981  5.831   1.00 43.10 ? 34  HIS A ND1 1 
ATOM   80  C  CD2 . HIS A 1 40 ? -5.531  -3.817  4.666   1.00 44.73 ? 34  HIS A CD2 1 
ATOM   81  C  CE1 . HIS A 1 40 ? -6.817  -2.336  5.637   1.00 41.14 ? 34  HIS A CE1 1 
ATOM   82  N  NE2 . HIS A 1 40 ? -6.825  -3.424  4.897   1.00 41.85 ? 34  HIS A NE2 1 
ATOM   83  N  N   . GLY A 1 41 ? -0.825  -1.265  3.221   1.00 21.68 ? 35  GLY A N   1 
ATOM   84  C  CA  . GLY A 1 41 ? 0.493   -0.687  3.328   1.00 19.27 ? 35  GLY A CA  1 
ATOM   85  C  C   . GLY A 1 41 ? 0.494   0.698   3.965   1.00 21.03 ? 35  GLY A C   1 
ATOM   86  O  O   . GLY A 1 41 ? -0.548  1.401   3.943   1.00 18.04 ? 35  GLY A O   1 
ATOM   87  N  N   . GLN A 1 42 ? 1.624   1.086   4.515   1.00 17.42 ? 36  GLN A N   1 
ATOM   88  C  CA  . GLN A 1 42 ? 1.746   2.395   5.109   1.00 17.82 ? 36  GLN A CA  1 
ATOM   89  C  C   . GLN A 1 42 ? 3.114   2.947   4.992   1.00 19.08 ? 36  GLN A C   1 
ATOM   90  O  O   . GLN A 1 42 ? 4.119   2.161   4.859   1.00 17.91 ? 36  GLN A O   1 
ATOM   91  C  CB  . GLN A 1 42 ? 1.260   2.388   6.595   1.00 20.17 ? 36  GLN A CB  1 
ATOM   92  C  CG  . GLN A 1 42 ? 2.168   1.617   7.541   1.00 18.43 ? 36  GLN A CG  1 
ATOM   93  C  CD  . GLN A 1 42 ? 3.391   2.351   7.935   1.00 22.05 ? 36  GLN A CD  1 
ATOM   94  O  OE1 . GLN A 1 42 ? 3.467   3.586   7.881   1.00 20.16 ? 36  GLN A OE1 1 
ATOM   95  N  NE2 . GLN A 1 42 ? 4.352   1.615   8.468   1.00 26.39 ? 36  GLN A NE2 1 
ATOM   96  N  N   . ALA A 1 43 ? 3.180   4.259   4.957   1.00 17.60 ? 37  ALA A N   1 
ATOM   97  C  CA  . ALA A 1 43 ? 4.463   4.967   5.177   1.00 17.06 ? 37  ALA A CA  1 
ATOM   98  C  C   . ALA A 1 43 ? 4.362   6.012   6.216   1.00 16.60 ? 37  ALA A C   1 
ATOM   99  O  O   . ALA A 1 43 ? 3.317   6.674   6.482   1.00 18.10 ? 37  ALA A O   1 
ATOM   100 C  CB  . ALA A 1 43 ? 5.039   5.541   3.880   1.00 16.35 ? 37  ALA A CB  1 
ATOM   101 N  N   . GLY A 1 44 ? 5.515   6.304   6.828   1.00 15.97 ? 38  GLY A N   1 
ATOM   102 C  CA  . GLY A 1 44 ? 5.516   7.353   7.798   1.00 18.42 ? 38  GLY A CA  1 
ATOM   103 C  C   . GLY A 1 44 ? 4.810   7.001   9.109   1.00 18.92 ? 38  GLY A C   1 
ATOM   104 O  O   . GLY A 1 44 ? 4.378   7.888   9.806   1.00 20.04 ? 38  GLY A O   1 
ATOM   105 N  N   . GLY A 1 45 ? 4.642   5.715   9.416   1.00 18.55 ? 39  GLY A N   1 
ATOM   106 C  CA  . GLY A 1 45 ? 3.844   5.355   10.583  1.00 17.72 ? 39  GLY A CA  1 
ATOM   107 C  C   . GLY A 1 45 ? 2.360   5.668   10.544  1.00 15.67 ? 39  GLY A C   1 
ATOM   108 O  O   . GLY A 1 45 ? 1.751   5.903   11.609  1.00 18.15 ? 39  GLY A O   1 
ATOM   109 N  N   . GLY A 1 46 ? 1.845   5.613   9.342   1.00 16.20 ? 40  GLY A N   1 
ATOM   110 C  CA  . GLY A 1 46 ? 0.429   5.812   9.072   1.00 15.85 ? 40  GLY A CA  1 
ATOM   111 C  C   . GLY A 1 46 ? 0.129   7.158   8.449   1.00 14.05 ? 40  GLY A C   1 
ATOM   112 O  O   . GLY A 1 46 ? -1.075  7.506   8.355   1.00 14.11 ? 40  GLY A O   1 
ATOM   113 N  N   . LEU A 1 47 ? 1.140   7.977   8.167   1.00 14.74 ? 41  LEU A N   1 
ATOM   114 C  CA  . LEU A 1 47 ? 0.845   9.251   7.499   1.00 15.70 ? 41  LEU A CA  1 
ATOM   115 C  C   . LEU A 1 47 ? 0.152   9.059   6.126   1.00 13.60 ? 41  LEU A C   1 
ATOM   116 O  O   . LEU A 1 47 ? -0.740  9.889   5.745   1.00 16.06 ? 41  LEU A O   1 
ATOM   117 C  CB  . LEU A 1 47 ? 2.078   10.135  7.386   1.00 16.51 ? 41  LEU A CB  1 
ATOM   118 C  CG  . LEU A 1 47 ? 2.579   10.710  8.710   1.00 16.02 ? 41  LEU A CG  1 
ATOM   119 C  CD1 . LEU A 1 47 ? 3.992   11.218  8.549   1.00 20.52 ? 41  LEU A CD1 1 
ATOM   120 C  CD2 . LEU A 1 47 ? 1.672   11.804  9.082   1.00 17.09 ? 41  LEU A CD2 1 
ATOM   121 N  N   . VAL A 1 48 ? 0.518   7.977   5.414   1.00 12.12 ? 42  VAL A N   1 
ATOM   122 C  CA  . VAL A 1 48 ? -0.180  7.542   4.193   1.00 13.30 ? 42  VAL A CA  1 
ATOM   123 C  C   . VAL A 1 48 ? -0.403  6.094   4.364   1.00 14.88 ? 42  VAL A C   1 
ATOM   124 O  O   . VAL A 1 48 ? 0.544   5.329   4.777   1.00 16.93 ? 42  VAL A O   1 
ATOM   125 C  CB  . VAL A 1 48 ? 0.556   7.886   2.859   1.00 12.29 ? 42  VAL A CB  1 
ATOM   126 C  CG1 . VAL A 1 48 ? -0.295  7.353   1.738   1.00 15.46 ? 42  VAL A CG1 1 
ATOM   127 C  CG2 . VAL A 1 48 ? 0.777   9.413   2.731   1.00 13.79 ? 42  VAL A CG2 1 
ATOM   128 N  N   . LYS A 1 49 ? -1.637  5.657   4.155   1.00 14.52 ? 43  LYS A N   1 
ATOM   129 C  CA  . LYS A 1 49 ? -2.008  4.275   4.226   1.00 15.59 ? 43  LYS A CA  1 
ATOM   130 C  C   . LYS A 1 49 ? -2.655  3.951   2.884   1.00 16.85 ? 43  LYS A C   1 
ATOM   131 O  O   . LYS A 1 49 ? -3.357  4.774   2.206   1.00 16.25 ? 43  LYS A O   1 
ATOM   132 C  CB  . LYS A 1 49 ? -3.031  4.048   5.381   1.00 16.66 ? 43  LYS A CB  1 
ATOM   133 C  CG  . LYS A 1 49 ? -2.426  4.270   6.750   1.00 18.26 ? 43  LYS A CG  1 
ATOM   134 C  CD  . LYS A 1 49 ? -3.336  4.085   7.973   1.00 19.14 ? 43  LYS A CD  1 
ATOM   135 C  CE  . LYS A 1 49 ? -4.453  5.006   8.050   1.00 22.34 ? 43  LYS A CE  1 
ATOM   136 N  NZ  . LYS A 1 49 ? -5.178  4.696   9.325   1.00 25.00 ? 43  LYS A NZ  1 
ATOM   137 N  N   . VAL A 1 50 ? -2.402  2.733   2.415   1.00 16.29 ? 44  VAL A N   1 
ATOM   138 C  CA  . VAL A 1 50 ? -3.028  2.277   1.187   1.00 16.05 ? 44  VAL A CA  1 
ATOM   139 C  C   . VAL A 1 50 ? -3.585  0.838   1.386   1.00 18.13 ? 44  VAL A C   1 
ATOM   140 O  O   . VAL A 1 50 ? -3.107  0.076   2.288   1.00 20.20 ? 44  VAL A O   1 
ATOM   141 C  CB  . VAL A 1 50 ? -2.119  2.318   -0.047  1.00 18.91 ? 44  VAL A CB  1 
ATOM   142 C  CG1 . VAL A 1 50 ? -1.549  3.667   -0.328  1.00 18.35 ? 44  VAL A CG1 1 
ATOM   143 C  CG2 . VAL A 1 50 ? -0.998  1.315   0.062   1.00 20.81 ? 44  VAL A CG2 1 
ATOM   144 N  N   . VAL A 1 51 ? -4.617  0.592   0.629   1.00 19.33 ? 45  VAL A N   1 
ATOM   145 C  CA  . VAL A 1 51 ? -5.240  -0.746  0.489   1.00 20.22 ? 45  VAL A CA  1 
ATOM   146 C  C   . VAL A 1 51 ? -5.166  -1.204  -0.970  1.00 20.28 ? 45  VAL A C   1 
ATOM   147 O  O   . VAL A 1 51 ? -5.665  -0.555  -1.892  1.00 19.69 ? 45  VAL A O   1 
ATOM   148 C  CB  . VAL A 1 51 ? -6.636  -0.781  1.065   1.00 21.48 ? 45  VAL A CB  1 
ATOM   149 C  CG1 . VAL A 1 51 ? -7.154  -2.239  0.943   1.00 24.43 ? 45  VAL A CG1 1 
ATOM   150 C  CG2 . VAL A 1 51 ? -6.605  -0.444  2.517   1.00 24.06 ? 45  VAL A CG2 1 
ATOM   151 N  N   . VAL A 1 52 ? -4.556  -2.387  -1.179  1.00 21.26 ? 46  VAL A N   1 
ATOM   152 C  CA  . VAL A 1 52 ? -4.292  -2.896  -2.490  1.00 26.19 ? 46  VAL A CA  1 
ATOM   153 C  C   . VAL A 1 52 ? -4.724  -4.370  -2.507  1.00 28.56 ? 46  VAL A C   1 
ATOM   154 O  O   . VAL A 1 52 ? -4.604  -5.070  -1.476  1.00 30.00 ? 46  VAL A O   1 
ATOM   155 C  CB  . VAL A 1 52 ? -2.828  -2.743  -2.903  1.00 31.37 ? 46  VAL A CB  1 
ATOM   156 C  CG1 . VAL A 1 52 ? -2.386  -1.268  -2.789  1.00 30.37 ? 46  VAL A CG1 1 
ATOM   157 C  CG2 . VAL A 1 52 ? -1.993  -3.731  -2.097  1.00 41.50 ? 46  VAL A CG2 1 
ATOM   158 N  N   . LYS A 1 53 ? -5.300  -4.795  -3.605  1.00 35.07 ? 47  LYS A N   1 
ATOM   159 C  CA  . LYS A 1 53 ? -5.605  -6.248  -3.801  1.00 37.52 ? 47  LYS A CA  1 
ATOM   160 C  C   . LYS A 1 53 ? -4.326  -7.028  -4.137  1.00 36.81 ? 47  LYS A C   1 
ATOM   161 O  O   . LYS A 1 53 ? -3.403  -6.474  -4.695  1.00 33.80 ? 47  LYS A O   1 
ATOM   162 C  CB  . LYS A 1 53 ? -6.638  -6.423  -4.933  1.00 37.74 ? 47  LYS A CB  1 
ATOM   163 C  CG  . LYS A 1 53 ? -8.029  -6.154  -4.432  1.00 48.35 ? 47  LYS A CG  1 
ATOM   164 C  CD  . LYS A 1 53 ? -9.108  -6.473  -5.434  1.00 57.62 ? 47  LYS A CD  1 
ATOM   165 C  CE  . LYS A 1 53 ? -10.431 -6.683  -4.701  1.00 68.26 ? 47  LYS A CE  1 
ATOM   166 N  NZ  . LYS A 1 53 ? -10.432 -7.960  -3.927  1.00 78.05 ? 47  LYS A NZ  1 
ATOM   167 N  N   . GLY A 1 54 ? -4.275  -8.338  -3.834  1.00 41.21 ? 48  GLY A N   1 
ATOM   168 C  CA  . GLY A 1 54 ? -3.112  -9.162  -4.264  1.00 37.50 ? 48  GLY A CA  1 
ATOM   169 C  C   . GLY A 1 54 ? -2.810  -9.022  -5.764  1.00 40.77 ? 48  GLY A C   1 
ATOM   170 O  O   . GLY A 1 54 ? -1.658  -9.050  -6.213  1.00 46.38 ? 48  GLY A O   1 
ATOM   171 N  N   . SER A 1 55 ? -3.867  -8.784  -6.521  1.00 39.99 ? 49  SER A N   1 
ATOM   172 C  CA  . SER A 1 55 ? -3.779  -8.477  -7.952  1.00 43.86 ? 49  SER A CA  1 
ATOM   173 C  C   . SER A 1 55 ? -2.947  -7.230  -8.305  1.00 45.57 ? 49  SER A C   1 
ATOM   174 O  O   . SER A 1 55 ? -2.551  -7.075  -9.461  1.00 41.73 ? 49  SER A O   1 
ATOM   175 C  CB  . SER A 1 55 ? -5.200  -8.282  -8.493  1.00 46.22 ? 49  SER A CB  1 
ATOM   176 O  OG  . SER A 1 55 ? -5.684  -6.947  -8.256  1.00 49.76 ? 49  SER A OG  1 
ATOM   177 N  N   . GLY A 1 56 ? -2.758  -6.297  -7.348  1.00 44.50 ? 50  GLY A N   1 
ATOM   178 C  CA  . GLY A 1 56 ? -2.071  -5.043  -7.640  1.00 41.79 ? 50  GLY A CA  1 
ATOM   179 C  C   . GLY A 1 56 ? -3.017  -3.835  -7.693  1.00 39.44 ? 50  GLY A C   1 
ATOM   180 O  O   . GLY A 1 56 ? -2.587  -2.696  -7.635  1.00 41.77 ? 50  GLY A O   1 
ATOM   181 N  N   . GLU A 1 57 ? -4.299  -4.100  -7.845  1.00 32.91 ? 51  GLU A N   1 
ATOM   182 C  CA  . GLU A 1 57 ? -5.288  -3.064  -7.979  1.00 36.37 ? 51  GLU A CA  1 
ATOM   183 C  C   . GLU A 1 57 ? -5.295  -2.223  -6.642  1.00 31.28 ? 51  GLU A C   1 
ATOM   184 O  O   . GLU A 1 57 ? -5.385  -2.791  -5.554  1.00 25.40 ? 51  GLU A O   1 
ATOM   185 C  CB  . GLU A 1 57 ? -6.632  -3.700  -8.247  1.00 36.57 ? 51  GLU A CB  1 
ATOM   186 C  CG  . GLU A 1 57 ? -7.832  -2.760  -8.297  1.00 46.23 ? 51  GLU A CG  1 
ATOM   187 C  CD  . GLU A 1 57 ? -9.172  -3.518  -8.239  1.00 57.54 ? 51  GLU A CD  1 
ATOM   188 O  OE1 . GLU A 1 57 ? -9.204  -4.777  -8.118  1.00 62.59 ? 51  GLU A OE1 1 
ATOM   189 O  OE2 . GLU A 1 57 ? -10.221 -2.838  -8.311  1.00 60.90 ? 51  GLU A OE2 1 
ATOM   190 N  N   . VAL A 1 58 ? -5.133  -0.917  -6.748  1.00 32.02 ? 52  VAL A N   1 
ATOM   191 C  CA  . VAL A 1 58 ? -5.162  -0.044  -5.598  1.00 28.03 ? 52  VAL A CA  1 
ATOM   192 C  C   . VAL A 1 58 ? -6.608  0.264   -5.335  1.00 29.86 ? 52  VAL A C   1 
ATOM   193 O  O   . VAL A 1 58 ? -7.251  0.789   -6.194  1.00 33.32 ? 52  VAL A O   1 
ATOM   194 C  CB  . VAL A 1 58 ? -4.399  1.268   -5.861  1.00 28.85 ? 52  VAL A CB  1 
ATOM   195 C  CG1 . VAL A 1 58 ? -4.679  2.299   -4.809  1.00 28.65 ? 52  VAL A CG1 1 
ATOM   196 C  CG2 . VAL A 1 58 ? -2.913  1.017   -5.973  1.00 33.08 ? 52  VAL A CG2 1 
ATOM   197 N  N   . ILE A 1 59 ? -7.104  -0.074  -4.165  1.00 25.93 ? 53  ILE A N   1 
ATOM   198 C  CA  . ILE A 1 59 ? -8.457  0.243   -3.851  1.00 26.81 ? 53  ILE A CA  1 
ATOM   199 C  C   . ILE A 1 59 ? -8.742  1.401   -2.917  1.00 26.01 ? 53  ILE A C   1 
ATOM   200 O  O   . ILE A 1 59 ? -9.800  1.926   -2.987  1.00 24.63 ? 53  ILE A O   1 
ATOM   201 C  CB  . ILE A 1 59 ? -9.284  -0.966  -3.482  1.00 35.98 ? 53  ILE A CB  1 
ATOM   202 C  CG1 . ILE A 1 59 ? -8.888  -1.477  -2.142  1.00 33.32 ? 53  ILE A CG1 1 
ATOM   203 C  CG2 . ILE A 1 59 ? -9.191  -2.046  -4.570  1.00 39.83 ? 53  ILE A CG2 1 
ATOM   204 C  CD1 . ILE A 1 59 ? -9.499  -2.815  -1.842  1.00 41.71 ? 53  ILE A CD1 1 
ATOM   205 N  N   . GLY A 1 60 ? -7.793  1.776   -2.070  1.00 19.26 ? 54  GLY A N   1 
ATOM   206 C  CA  . GLY A 1 60 ? -7.979  2.960   -1.265  1.00 20.34 ? 54  GLY A CA  1 
ATOM   207 C  C   . GLY A 1 60 ? -6.690  3.664   -0.891  1.00 16.25 ? 54  GLY A C   1 
ATOM   208 O  O   . GLY A 1 60 ? -5.680  3.053   -0.873  1.00 17.09 ? 54  GLY A O   1 
ATOM   209 N  N   . VAL A 1 61 ? -6.766  4.965   -0.642  1.00 16.36 ? 55  VAL A N   1 
ATOM   210 C  CA  . VAL A 1 61 ? -5.608  5.668   -0.202  1.00 14.90 ? 55  VAL A CA  1 
ATOM   211 C  C   . VAL A 1 61 ? -6.109  6.589   0.889   1.00 18.04 ? 55  VAL A C   1 
ATOM   212 O  O   . VAL A 1 61 ? -7.152  7.225   0.653   1.00 19.17 ? 55  VAL A O   1 
ATOM   213 C  CB  . VAL A 1 61 ? -4.983  6.547   -1.326  1.00 17.07 ? 55  VAL A CB  1 
ATOM   214 C  CG1 . VAL A 1 61 ? -3.842  7.369   -0.735  1.00 17.43 ? 55  VAL A CG1 1 
ATOM   215 C  CG2 . VAL A 1 61 ? -4.378  5.642   -2.435  1.00 17.18 ? 55  VAL A CG2 1 
ATOM   216 N  N   . THR A 1 62 ? -5.415  6.678   2.033   1.00 14.21 ? 56  THR A N   1 
ATOM   217 C  CA  . THR A 1 62 ? -5.867  7.485   3.135   1.00 13.88 ? 56  THR A CA  1 
ATOM   218 C  C   . THR A 1 62 ? -4.710  8.374   3.571   1.00 13.53 ? 56  THR A C   1 
ATOM   219 O  O   . THR A 1 62 ? -3.655  7.847   3.925   1.00 14.08 ? 56  THR A O   1 
ATOM   220 C  CB  . THR A 1 62 ? -6.295  6.611   4.344   1.00 17.30 ? 56  THR A CB  1 
ATOM   221 O  OG1 . THR A 1 62 ? -7.357  5.731   3.934   1.00 18.42 ? 56  THR A OG1 1 
ATOM   222 C  CG2 . THR A 1 62 ? -6.821  7.503   5.430   1.00 19.39 ? 56  THR A CG2 1 
ATOM   223 N  N   . ILE A 1 63 ? -4.901  9.681   3.512   1.00 12.60 ? 57  ILE A N   1 
ATOM   224 C  CA  . ILE A 1 63 ? -3.819  10.546  3.734   1.00 12.94 ? 57  ILE A CA  1 
ATOM   225 C  C   . ILE A 1 63 ? -4.134  11.336  5.008   1.00 12.82 ? 57  ILE A C   1 
ATOM   226 O  O   . ILE A 1 63 ? -5.144  12.001  5.096   1.00 13.56 ? 57  ILE A O   1 
ATOM   227 C  CB  . ILE A 1 63 ? -3.642  11.452  2.510   1.00 13.31 ? 57  ILE A CB  1 
ATOM   228 C  CG1 . ILE A 1 63 ? -3.234  10.673  1.268   1.00 13.20 ? 57  ILE A CG1 1 
ATOM   229 C  CG2 . ILE A 1 63 ? -2.575  12.493  2.803   1.00 12.57 ? 57  ILE A CG2 1 
ATOM   230 C  CD1 . ILE A 1 63 ? -3.457  11.478  0.058   1.00 15.81 ? 57  ILE A CD1 1 
ATOM   231 N  N   . ASP A 1 64 ? -3.199  11.366  5.935   1.00 13.45 ? 58  ASP A N   1 
ATOM   232 C  CA  . ASP A 1 64 ? -3.293  12.161  7.143   1.00 13.44 ? 58  ASP A CA  1 
ATOM   233 C  C   . ASP A 1 64 ? -3.173  13.663  6.836   1.00 12.60 ? 58  ASP A C   1 
ATOM   234 O  O   . ASP A 1 64 ? -2.314  14.083  6.086   1.00 13.51 ? 58  ASP A O   1 
ATOM   235 C  CB  . ASP A 1 64 ? -2.210  11.723  8.143   1.00 14.79 ? 58  ASP A CB  1 
ATOM   236 C  CG  . ASP A 1 64 ? -2.349  12.384  9.465   1.00 15.54 ? 58  ASP A CG  1 
ATOM   237 O  OD1 . ASP A 1 64 ? -1.926  13.537  9.640   1.00 16.05 ? 58  ASP A OD1 1 
ATOM   238 O  OD2 . ASP A 1 64 ? -2.988  11.785  10.396  1.00 15.51 ? 58  ASP A OD2 1 
ATOM   239 N  N   . PRO A 1 65 ? -3.989  14.474  7.498   1.00 14.47 ? 59  PRO A N   1 
ATOM   240 C  CA  . PRO A 1 65 ? -4.001  15.919  7.238   1.00 17.26 ? 59  PRO A CA  1 
ATOM   241 C  C   . PRO A 1 65 ? -2.658  16.570  7.428   1.00 14.96 ? 59  PRO A C   1 
ATOM   242 O  O   . PRO A 1 65 ? -2.320  17.604  6.773   1.00 15.11 ? 59  PRO A O   1 
ATOM   243 C  CB  . PRO A 1 65 ? -4.944  16.439  8.366   1.00 20.02 ? 59  PRO A CB  1 
ATOM   244 C  CG  . PRO A 1 65 ? -5.859  15.358  8.564   1.00 22.59 ? 59  PRO A CG  1 
ATOM   245 C  CD  . PRO A 1 65 ? -5.122  14.079  8.365   1.00 16.12 ? 59  PRO A CD  1 
ATOM   246 N  N   . LYS A 1 66 ? -1.812  15.988  8.295   1.00 15.62 ? 60  LYS A N   1 
ATOM   247 C  CA  . LYS A 1 66 ? -0.505  16.651  8.555   1.00 18.31 ? 60  LYS A CA  1 
ATOM   248 C  C   . LYS A 1 66 ? 0.327   16.855  7.298   1.00 15.78 ? 60  LYS A C   1 
ATOM   249 O  O   . LYS A 1 66 ? 1.088   17.819  7.207   1.00 16.60 ? 60  LYS A O   1 
ATOM   250 C  CB  . LYS A 1 66 ? 0.303   15.810  9.532   1.00 21.40 ? 60  LYS A CB  1 
ATOM   251 C  CG  . LYS A 1 66 ? 1.541   16.546  10.048  1.00 31.16 ? 60  LYS A CG  1 
ATOM   252 C  CD  . LYS A 1 66 ? 2.397   15.625  10.843  1.00 34.31 ? 60  LYS A CD  1 
ATOM   253 C  CE  . LYS A 1 66 ? 1.802   15.320  12.184  1.00 47.89 ? 60  LYS A CE  1 
ATOM   254 N  N   . VAL A 1 67 ? 0.347   15.889  6.404   1.00 12.83 ? 61  VAL A N   1 
ATOM   255 C  CA  . VAL A 1 67 ? 1.083   15.967  5.192   1.00 12.21 ? 61  VAL A CA  1 
ATOM   256 C  C   . VAL A 1 67 ? 0.403   16.583  3.981   1.00 14.33 ? 61  VAL A C   1 
ATOM   257 O  O   . VAL A 1 67 ? 1.063   16.663  2.896   1.00 13.82 ? 61  VAL A O   1 
ATOM   258 C  CB  . VAL A 1 67 ? 1.669   14.615  4.835   1.00 12.86 ? 61  VAL A CB  1 
ATOM   259 C  CG1 . VAL A 1 67 ? 2.766   14.274  5.885   1.00 15.89 ? 61  VAL A CG1 1 
ATOM   260 C  CG2 . VAL A 1 67 ? 0.599   13.555  4.703   1.00 13.44 ? 61  VAL A CG2 1 
ATOM   261 N  N   . VAL A 1 68 ? -0.802  17.097  4.166   1.00 14.34 ? 62  VAL A N   1 
ATOM   262 C  CA  . VAL A 1 68 ? -1.482  17.771  3.103   1.00 13.54 ? 62  VAL A CA  1 
ATOM   263 C  C   . VAL A 1 68 ? -1.097  19.237  3.174   1.00 16.69 ? 62  VAL A C   1 
ATOM   264 O  O   . VAL A 1 68 ? -1.838  20.047  3.605   1.00 16.46 ? 62  VAL A O   1 
ATOM   265 C  CB  . VAL A 1 68 ? -2.981  17.520  3.090   1.00 14.43 ? 62  VAL A CB  1 
ATOM   266 C  CG1 . VAL A 1 68 ? -3.626  18.171  1.899   1.00 15.78 ? 62  VAL A CG1 1 
ATOM   267 C  CG2 . VAL A 1 68 ? -3.235  16.036  3.111   1.00 15.02 ? 62  VAL A CG2 1 
ATOM   268 N  N   . ASP A 1 69 ? 0.151   19.522  2.830   1.00 14.94 ? 63  ASP A N   1 
ATOM   269 C  CA  . ASP A 1 69 ? 0.687   20.868  2.965   1.00 19.25 ? 63  ASP A CA  1 
ATOM   270 C  C   . ASP A 1 69 ? 1.271   21.290  1.636   1.00 17.81 ? 63  ASP A C   1 
ATOM   271 O  O   . ASP A 1 69 ? 2.204   20.664  1.132   1.00 13.48 ? 63  ASP A O   1 
ATOM   272 C  CB  . ASP A 1 69 ? 1.760   20.914  4.053   1.00 20.65 ? 63  ASP A CB  1 
ATOM   273 C  CG  . ASP A 1 69 ? 2.541   22.213  4.048   1.00 25.47 ? 63  ASP A CG  1 
ATOM   274 O  OD1 . ASP A 1 69 ? 2.089   23.177  3.394   1.00 24.47 ? 63  ASP A OD1 1 
ATOM   275 O  OD2 . ASP A 1 69 ? 3.606   22.271  4.697   1.00 29.89 ? 63  ASP A OD2 1 
ATOM   276 N  N   . PRO A 1 70 ? 0.716   22.346  1.056   1.00 19.36 ? 64  PRO A N   1 
ATOM   277 C  CA  . PRO A 1 70 ? 1.120   22.724  -0.297  1.00 21.24 ? 64  PRO A CA  1 
ATOM   278 C  C   . PRO A 1 70 ? 2.563   23.300  -0.391  1.00 22.33 ? 64  PRO A C   1 
ATOM   279 O  O   . PRO A 1 70 ? 3.132   23.357  -1.457  1.00 24.33 ? 64  PRO A O   1 
ATOM   280 C  CB  . PRO A 1 70 ? 0.015   23.711  -0.736  1.00 25.73 ? 64  PRO A CB  1 
ATOM   281 C  CG  . PRO A 1 70 ? -0.550  24.237  0.529   1.00 24.25 ? 64  PRO A CG  1 
ATOM   282 C  CD  . PRO A 1 70 ? -0.443  23.146  1.548   1.00 22.09 ? 64  PRO A CD  1 
ATOM   283 N  N   . ASP A 1 71 ? 3.183   23.586  0.736   1.00 22.62 ? 65  ASP A N   1 
ATOM   284 C  CA  . ASP A 1 71 ? 4.580   23.992  0.775   1.00 21.92 ? 65  ASP A CA  1 
ATOM   285 C  C   . ASP A 1 71 ? 5.519   22.783  0.805   1.00 22.54 ? 65  ASP A C   1 
ATOM   286 O  O   . ASP A 1 71 ? 6.742   22.976  0.737   1.00 25.15 ? 65  ASP A O   1 
ATOM   287 C  CB  . ASP A 1 71 ? 4.867   24.792  2.025   1.00 22.88 ? 65  ASP A CB  1 
ATOM   288 C  CG  . ASP A 1 71 ? 4.136   26.179  2.026   1.00 32.36 ? 65  ASP A CG  1 
ATOM   289 O  OD1 . ASP A 1 71 ? 3.809   26.661  0.944   1.00 32.02 ? 65  ASP A OD1 1 
ATOM   290 O  OD2 . ASP A 1 71 ? 3.893   26.696  3.124   1.00 42.19 ? 65  ASP A OD2 1 
ATOM   291 N  N   . ASP A 1 72 ? 4.987   21.544  1.009   1.00 16.13 ? 66  ASP A N   1 
ATOM   292 C  CA  . ASP A 1 72 ? 5.850   20.368  0.944   1.00 15.92 ? 66  ASP A CA  1 
ATOM   293 C  C   . ASP A 1 72 ? 5.159   19.185  0.245   1.00 14.83 ? 66  ASP A C   1 
ATOM   294 O  O   . ASP A 1 72 ? 4.874   18.123  0.851   1.00 15.24 ? 66  ASP A O   1 
ATOM   295 C  CB  . ASP A 1 72 ? 6.397   19.949  2.302   1.00 17.39 ? 66  ASP A CB  1 
ATOM   296 C  CG  . ASP A 1 72 ? 7.523   18.982  2.178   1.00 20.12 ? 66  ASP A CG  1 
ATOM   297 O  OD1 . ASP A 1 72 ? 7.890   18.538  1.065   1.00 17.77 ? 66  ASP A OD1 1 
ATOM   298 O  OD2 . ASP A 1 72 ? 8.009   18.564  3.213   1.00 20.13 ? 66  ASP A OD2 1 
ATOM   299 N  N   . ILE A 1 73 ? 4.837   19.386  -1.023  1.00 15.36 ? 67  ILE A N   1 
ATOM   300 C  CA  . ILE A 1 73 ? 4.156   18.297  -1.781  1.00 14.16 ? 67  ILE A CA  1 
ATOM   301 C  C   . ILE A 1 73 ? 5.094   17.152  -1.916  1.00 13.79 ? 67  ILE A C   1 
ATOM   302 O  O   . ILE A 1 73 ? 4.697   16.000  -2.026  1.00 13.81 ? 67  ILE A O   1 
ATOM   303 C  CB  . ILE A 1 73 ? 3.626   18.852  -3.106  1.00 15.51 ? 67  ILE A CB  1 
ATOM   304 C  CG1 . ILE A 1 73 ? 2.612   20.002  -2.773  1.00 17.31 ? 67  ILE A CG1 1 
ATOM   305 C  CG2 . ILE A 1 73 ? 3.069   17.764  -3.908  1.00 14.82 ? 67  ILE A CG2 1 
ATOM   306 C  CD1 . ILE A 1 73 ? 2.101   20.821  -3.962  1.00 16.94 ? 67  ILE A CD1 1 
ATOM   307 N  N   . GLU A 1 74 ? 6.388   17.449  -1.972  1.00 13.83 ? 68  GLU A N   1 
ATOM   308 C  CA  . GLU A 1 74 ? 7.390   16.412  -2.221  1.00 12.98 ? 68  GLU A CA  1 
ATOM   309 C  C   . GLU A 1 74 ? 7.287   15.270  -1.212  1.00 11.23 ? 68  GLU A C   1 
ATOM   310 O  O   . GLU A 1 74 ? 7.306   14.092  -1.573  1.00 11.07 ? 68  GLU A O   1 
ATOM   311 C  CB  . GLU A 1 74 ? 8.797   17.010  -2.196  1.00 12.71 ? 68  GLU A CB  1 
ATOM   312 C  CG  . GLU A 1 74 ? 9.896   16.026  -2.561  1.00 12.27 ? 68  GLU A CG  1 
ATOM   313 C  CD  . GLU A 1 74 ? 9.721   15.448  -3.951  1.00 15.68 ? 68  GLU A CD  1 
ATOM   314 O  OE1 . GLU A 1 74 ? 9.013   16.070  -4.771  1.00 17.18 ? 68  GLU A OE1 1 
ATOM   315 O  OE2 . GLU A 1 74 ? 10.291  14.371  -4.225  1.00 15.01 ? 68  GLU A OE2 1 
ATOM   316 N  N   . THR A 1 75 ? 7.180   15.646  0.054   1.00 12.01 ? 69  THR A N   1 
ATOM   317 C  CA  . THR A 1 75 ? 7.093   14.715  1.186   1.00 12.38 ? 69  THR A CA  1 
ATOM   318 C  C   . THR A 1 75 ? 5.876   13.814  1.070   1.00 14.23 ? 69  THR A C   1 
ATOM   319 O  O   . THR A 1 75 ? 5.949   12.588  1.213   1.00 13.20 ? 69  THR A O   1 
ATOM   320 C  CB  . THR A 1 75 ? 7.073   15.465  2.519   1.00 14.32 ? 69  THR A CB  1 
ATOM   321 O  OG1 . THR A 1 75 ? 8.435   15.877  2.796   1.00 16.45 ? 69  THR A OG1 1 
ATOM   322 C  CG2 . THR A 1 75 ? 6.616   14.519  3.606   1.00 19.87 ? 69  THR A CG2 1 
ATOM   323 N  N   . LEU A 1 76 ? 4.770   14.442  0.737   1.00 11.90 ? 70  LEU A N   1 
ATOM   324 C  CA  . LEU A 1 76 ? 3.493   13.719  0.472   1.00 14.26 ? 70  LEU A CA  1 
ATOM   325 C  C   . LEU A 1 76 ? 3.669   12.683  -0.644  1.00 13.83 ? 70  LEU A C   1 
ATOM   326 O  O   . LEU A 1 76 ? 3.305   11.516  -0.481  1.00 12.30 ? 70  LEU A O   1 
ATOM   327 C  CB  . LEU A 1 76 ? 2.425   14.742  0.136   1.00 12.89 ? 70  LEU A CB  1 
ATOM   328 C  CG  . LEU A 1 76 ? 1.092   14.158  -0.308  1.00 13.93 ? 70  LEU A CG  1 
ATOM   329 C  CD1 . LEU A 1 76 ? 0.472   13.239  0.726   1.00 16.16 ? 70  LEU A CD1 1 
ATOM   330 C  CD2 . LEU A 1 76 ? 0.111   15.207  -0.697  1.00 16.92 ? 70  LEU A CD2 1 
ATOM   331 N  N   . GLN A 1 77 ? 4.224   13.105  -1.773  1.00 13.61 ? 71  GLN A N   1 
ATOM   332 C  CA  . GLN A 1 77 ? 4.480   12.222  -2.872  1.00 14.29 ? 71  GLN A CA  1 
ATOM   333 C  C   . GLN A 1 77 ? 5.353   11.039  -2.455  1.00 14.14 ? 71  GLN A C   1 
ATOM   334 O  O   . GLN A 1 77 ? 5.038   9.920   -2.753  1.00 13.65 ? 71  GLN A O   1 
ATOM   335 C  CB  . GLN A 1 77 ? 5.145   12.975  -4.038  1.00 14.82 ? 71  GLN A CB  1 
ATOM   336 C  CG  . GLN A 1 77 ? 4.289   14.052  -4.640  1.00 13.39 ? 71  GLN A CG  1 
ATOM   337 C  CD  . GLN A 1 77 ? 5.011   14.897  -5.679  1.00 14.41 ? 71  GLN A CD  1 
ATOM   338 O  OE1 . GLN A 1 77 ? 6.219   14.803  -5.857  1.00 17.82 ? 71  GLN A OE1 1 
ATOM   339 N  NE2 . GLN A 1 77 ? 4.277   15.699  -6.332  1.00 10.20 ? 71  GLN A NE2 1 
ATOM   340 N  N   . ASP A 1 78 ? 6.460   11.338  -1.778  1.00 13.26 ? 72  ASP A N   1 
ATOM   341 C  CA  . ASP A 1 78 ? 7.336   10.271  -1.304  1.00 13.75 ? 72  ASP A CA  1 
ATOM   342 C  C   . ASP A 1 78 ? 6.622   9.251   -0.358  1.00 12.11 ? 72  ASP A C   1 
ATOM   343 O  O   . ASP A 1 78 ? 6.869   8.049   -0.452  1.00 13.47 ? 72  ASP A O   1 
ATOM   344 C  CB  . ASP A 1 78 ? 8.504   10.895  -0.635  1.00 13.60 ? 72  ASP A CB  1 
ATOM   345 C  CG  . ASP A 1 78 ? 9.488   11.560  -1.613  1.00 13.98 ? 72  ASP A CG  1 
ATOM   346 O  OD1 . ASP A 1 78 ? 9.438   11.274  -2.839  1.00 14.82 ? 72  ASP A OD1 1 
ATOM   347 O  OD2 . ASP A 1 78 ? 10.310  12.360  -1.147  1.00 16.09 ? 72  ASP A OD2 1 
ATOM   348 N  N   . LEU A 1 79 ? 5.754   9.769   0.497   1.00 14.10 ? 73  LEU A N   1 
ATOM   349 C  CA  . LEU A 1 79 ? 5.000   8.862   1.377   1.00 15.01 ? 73  LEU A CA  1 
ATOM   350 C  C   . LEU A 1 79 ? 4.012   7.969   0.656   1.00 15.07 ? 73  LEU A C   1 
ATOM   351 O  O   . LEU A 1 79 ? 3.791   6.803   1.063   1.00 14.59 ? 73  LEU A O   1 
ATOM   352 C  CB  . LEU A 1 79 ? 4.312   9.686   2.490   1.00 16.93 ? 73  LEU A CB  1 
ATOM   353 C  CG  . LEU A 1 79 ? 5.172   10.307  3.542   1.00 18.49 ? 73  LEU A CG  1 
ATOM   354 C  CD1 . LEU A 1 79 ? 4.460   11.340  4.406   1.00 16.18 ? 73  LEU A CD1 1 
ATOM   355 C  CD2 . LEU A 1 79 ? 5.760   9.248   4.454   1.00 19.34 ? 73  LEU A CD2 1 
ATOM   356 N  N   . ILE A 1 80 ? 3.426   8.480   -0.441  1.00 13.30 ? 74  ILE A N   1 
ATOM   357 C  CA  . ILE A 1 80 ? 2.522   7.677   -1.219  1.00 13.54 ? 74  ILE A CA  1 
ATOM   358 C  C   . ILE A 1 80 ? 3.292   6.593   -1.921  1.00 14.05 ? 74  ILE A C   1 
ATOM   359 O  O   . ILE A 1 80 ? 2.888   5.387   -1.879  1.00 15.61 ? 74  ILE A O   1 
ATOM   360 C  CB  . ILE A 1 80 ? 1.715   8.528   -2.215  1.00 14.35 ? 74  ILE A CB  1 
ATOM   361 C  CG1 . ILE A 1 80 ? 0.775   9.491   -1.502  1.00 15.40 ? 74  ILE A CG1 1 
ATOM   362 C  CG2 . ILE A 1 80 ? 1.015   7.532   -3.216  1.00 12.98 ? 74  ILE A CG2 1 
ATOM   363 C  CD1 . ILE A 1 80 ? 0.353   10.747  -2.298  1.00 15.91 ? 74  ILE A CD1 1 
ATOM   364 N  N   . VAL A 1 81 ? 4.409   6.927   -2.540  1.00 14.90 ? 75  VAL A N   1 
ATOM   365 C  CA  . VAL A 1 81 ? 5.227   5.906   -3.160  1.00 16.78 ? 75  VAL A CA  1 
ATOM   366 C  C   . VAL A 1 81 ? 5.683   4.870   -2.105  1.00 16.83 ? 75  VAL A C   1 
ATOM   367 O  O   . VAL A 1 81 ? 5.671   3.591   -2.362  1.00 17.89 ? 75  VAL A O   1 
ATOM   368 C  CB  . VAL A 1 81 ? 6.530   6.562   -3.803  1.00 18.19 ? 75  VAL A CB  1 
ATOM   369 C  CG1 . VAL A 1 81 ? 7.531   5.508   -4.267  1.00 23.26 ? 75  VAL A CG1 1 
ATOM   370 C  CG2 . VAL A 1 81 ? 6.111   7.430   -4.997  1.00 21.64 ? 75  VAL A CG2 1 
ATOM   371 N  N   . GLY A 1 82 ? 6.158   5.362   -0.974  1.00 17.04 ? 76  GLY A N   1 
ATOM   372 C  CA  . GLY A 1 82 ? 6.561   4.529   0.153   1.00 15.87 ? 76  GLY A CA  1 
ATOM   373 C  C   . GLY A 1 82 ? 5.461   3.567   0.631   1.00 17.05 ? 76  GLY A C   1 
ATOM   374 O  O   . GLY A 1 82 ? 5.687   2.383   0.863   1.00 15.76 ? 76  GLY A O   1 
ATOM   375 N  N   . ALA A 1 83 ? 4.239   4.046   0.788   1.00 16.61 ? 77  ALA A N   1 
ATOM   376 C  CA  . ALA A 1 83 ? 3.122   3.218   1.188   1.00 17.57 ? 77  ALA A CA  1 
ATOM   377 C  C   . ALA A 1 83 ? 2.782   2.188   0.123   1.00 18.24 ? 77  ALA A C   1 
ATOM   378 O  O   . ALA A 1 83 ? 2.436   0.976   0.472   1.00 17.58 ? 77  ALA A O   1 
ATOM   379 C  CB  . ALA A 1 83 ? 1.914   4.134   1.541   1.00 15.66 ? 77  ALA A CB  1 
ATOM   380 N  N   . MET A 1 84 ? 2.881   2.551   -1.161  1.00 18.11 ? 78  MET A N   1 
ATOM   381 C  CA  A MET A 1 84 ? 2.704   1.574   -2.259  0.50 19.83 ? 78  MET A CA  1 
ATOM   382 C  CA  B MET A 1 84 ? 2.680   1.563   -2.229  0.50 21.34 ? 78  MET A CA  1 
ATOM   383 C  C   . MET A 1 84 ? 3.771   0.499   -2.232  1.00 21.48 ? 78  MET A C   1 
ATOM   384 O  O   . MET A 1 84 ? 3.467   -0.716  -2.344  1.00 21.40 ? 78  MET A O   1 
ATOM   385 C  CB  A MET A 1 84 ? 2.625   2.281   -3.625  0.50 18.30 ? 78  MET A CB  1 
ATOM   386 C  CB  B MET A 1 84 ? 2.461   2.262   -3.580  0.50 21.70 ? 78  MET A CB  1 
ATOM   387 C  CG  A MET A 1 84 ? 1.393   3.161   -3.772  0.50 19.00 ? 78  MET A CG  1 
ATOM   388 C  CG  B MET A 1 84 ? 1.148   3.047   -3.596  0.50 24.48 ? 78  MET A CG  1 
ATOM   389 S  SD  A MET A 1 84 ? -0.164  2.258   -3.763  0.50 18.56 ? 78  MET A SD  1 
ATOM   390 S  SD  B MET A 1 84 ? 0.929   3.950   -5.123  0.50 29.57 ? 78  MET A SD  1 
ATOM   391 C  CE  A MET A 1 84 ? -1.165  3.640   -4.274  0.50 25.59 ? 78  MET A CE  1 
ATOM   392 C  CE  B MET A 1 84 ? -0.663  4.769   -4.948  0.50 29.65 ? 78  MET A CE  1 
ATOM   393 N  N   . ARG A 1 85 ? 4.995   0.915   -1.945  1.00 21.51 ? 79  ARG A N   1 
ATOM   394 C  CA  . ARG A 1 85 ? 6.096   -0.048  -1.791  1.00 21.94 ? 79  ARG A CA  1 
ATOM   395 C  C   . ARG A 1 85 ? 5.894   -1.020  -0.656  1.00 25.99 ? 79  ARG A C   1 
ATOM   396 O  O   . ARG A 1 85 ? 6.107   -2.230  -0.832  1.00 25.70 ? 79  ARG A O   1 
ATOM   397 C  CB  . ARG A 1 85 ? 7.426   0.711   -1.693  1.00 24.83 ? 79  ARG A CB  1 
ATOM   398 C  CG  . ARG A 1 85 ? 8.634   -0.201  -1.481  1.00 38.04 ? 79  ARG A CG  1 
ATOM   399 C  CD  . ARG A 1 85 ? 9.991   0.518   -1.509  1.00 46.54 ? 79  ARG A CD  1 
ATOM   400 N  NE  . ARG A 1 85 ? 9.920   1.951   -1.831  1.00 56.55 ? 79  ARG A NE  1 
ATOM   401 C  CZ  . ARG A 1 85 ? 10.046  2.963   -0.946  1.00 61.66 ? 79  ARG A CZ  1 
ATOM   402 N  NH1 . ARG A 1 85 ? 10.250  2.726   0.367   1.00 56.92 ? 79  ARG A NH1 1 
ATOM   403 N  NH2 . ARG A 1 85 ? 9.963   4.235   -1.382  1.00 50.39 ? 79  ARG A NH2 1 
ATOM   404 N  N   . ASP A 1 86 ? 5.455   -0.502  0.499   1.00 22.90 ? 80  ASP A N   1 
ATOM   405 C  CA  . ASP A 1 86 ? 5.090   -1.289  1.640   1.00 22.26 ? 80  ASP A CA  1 
ATOM   406 C  C   . ASP A 1 86 ? 4.044   -2.334  1.311   1.00 23.69 ? 80  ASP A C   1 
ATOM   407 O  O   . ASP A 1 86 ? 4.168   -3.561  1.683   1.00 25.17 ? 80  ASP A O   1 
ATOM   408 C  CB  . ASP A 1 86 ? 4.770   -0.367  2.852   1.00 20.23 ? 80  ASP A CB  1 
ATOM   409 C  CG  . ASP A 1 86 ? 4.503   -1.168  4.133   1.00 24.21 ? 80  ASP A CG  1 
ATOM   410 O  OD1 . ASP A 1 86 ? 5.404   -1.977  4.469   1.00 25.45 ? 80  ASP A OD1 1 
ATOM   411 O  OD2 . ASP A 1 86 ? 3.378   -1.125  4.682   1.00 20.43 ? 80  ASP A OD2 1 
ATOM   412 N  N   . ALA A 1 87 ? 3.006   -1.937  0.599   1.00 21.64 ? 81  ALA A N   1 
ATOM   413 C  CA  . ALA A 1 87 ? 1.938   -2.841  0.266   1.00 23.80 ? 81  ALA A CA  1 
ATOM   414 C  C   . ALA A 1 87 ? 2.469   -3.905  -0.641  1.00 27.64 ? 81  ALA A C   1 
ATOM   415 O  O   . ALA A 1 87 ? 2.126   -5.082  -0.469  1.00 32.43 ? 81  ALA A O   1 
ATOM   416 C  CB  . ALA A 1 87 ? 0.808   -2.129  -0.413  1.00 24.52 ? 81  ALA A CB  1 
ATOM   417 N  N   . SER A 1 88 ? 3.271   -3.511  -1.609  1.00 28.62 ? 82  SER A N   1 
ATOM   418 C  CA  . SER A 1 88 ? 3.787   -4.483  -2.584  1.00 36.29 ? 82  SER A CA  1 
ATOM   419 C  C   . SER A 1 88 ? 4.642   -5.519  -1.873  1.00 33.97 ? 82  SER A C   1 
ATOM   420 O  O   . SER A 1 88 ? 4.526   -6.723  -2.143  1.00 42.87 ? 82  SER A O   1 
ATOM   421 C  CB  . SER A 1 88 ? 4.567   -3.783  -3.690  1.00 38.24 ? 82  SER A CB  1 
ATOM   422 O  OG  . SER A 1 88 ? 5.702   -4.562  -3.991  1.00 52.23 ? 82  SER A OG  1 
ATOM   423 N  N   . GLN A 1 89 ? 5.448   -5.077  -0.925  1.00 30.80 ? 83  GLN A N   1 
ATOM   424 C  CA  . GLN A 1 89 ? 6.270   -5.986  -0.158  1.00 37.90 ? 83  GLN A CA  1 
ATOM   425 C  C   . GLN A 1 89 ? 5.446   -6.888  0.759   1.00 39.03 ? 83  GLN A C   1 
ATOM   426 O  O   . GLN A 1 89 ? 5.750   -8.093  0.877   1.00 44.07 ? 83  GLN A O   1 
ATOM   427 C  CB  . GLN A 1 89 ? 7.554   -5.345  0.420   1.00 45.97 ? 83  GLN A CB  1 
ATOM   428 C  CG  . GLN A 1 89 ? 7.524   -4.135  1.342   1.00 58.15 ? 83  GLN A CG  1 
ATOM   429 C  CD  . GLN A 1 89 ? 8.729   -3.209  1.078   1.00 59.25 ? 83  GLN A CD  1 
ATOM   430 O  OE1 . GLN A 1 89 ? 9.603   -3.537  0.265   1.00 61.89 ? 83  GLN A OE1 1 
ATOM   431 N  NE2 . GLN A 1 89 ? 8.753   -2.036  1.720   1.00 63.87 ? 83  GLN A NE2 1 
ATOM   432 N  N   . GLN A 1 90 ? 4.310   -6.400  1.245   1.00 33.92 ? 84  GLN A N   1 
ATOM   433 C  CA  . GLN A 1 90 ? 3.332   -7.229  1.966   1.00 33.86 ? 84  GLN A CA  1 
ATOM   434 C  C   . GLN A 1 90 ? 2.728   -8.328  1.080   1.00 40.29 ? 84  GLN A C   1 
ATOM   435 O  O   . GLN A 1 90 ? 2.584   -9.478  1.514   1.00 40.97 ? 84  GLN A O   1 
ATOM   436 C  CB  . GLN A 1 90 ? 2.176   -6.404  2.605   1.00 39.63 ? 84  GLN A CB  1 
ATOM   437 C  CG  . GLN A 1 90 ? 2.449   -5.454  3.776   1.00 49.75 ? 84  GLN A CG  1 
ATOM   438 C  CD  . GLN A 1 90 ? 3.410   -5.988  4.797   1.00 62.10 ? 84  GLN A CD  1 
ATOM   439 O  OE1 . GLN A 1 90 ? 3.379   -7.174  5.133   1.00 65.62 ? 84  GLN A OE1 1 
ATOM   440 N  NE2 . GLN A 1 90 ? 4.265   -5.098  5.335   1.00 75.66 ? 84  GLN A NE2 1 
ATOM   441 N  N   . VAL A 1 91 ? 2.365   -7.982  -0.147  1.00 33.49 ? 85  VAL A N   1 
ATOM   442 C  CA  . VAL A 1 91 ? 1.719   -8.908  -1.037  1.00 43.64 ? 85  VAL A CA  1 
ATOM   443 C  C   . VAL A 1 91 ? 2.672   -10.068 -1.241  1.00 44.84 ? 85  VAL A C   1 
ATOM   444 O  O   . VAL A 1 91 ? 2.249   -11.214 -1.161  1.00 47.99 ? 85  VAL A O   1 
ATOM   445 C  CB  . VAL A 1 91 ? 1.380   -8.270  -2.387  1.00 39.15 ? 85  VAL A CB  1 
ATOM   446 C  CG1 . VAL A 1 91 ? 0.993   -9.334  -3.428  1.00 42.64 ? 85  VAL A CG1 1 
ATOM   447 C  CG2 . VAL A 1 91 ? 0.266   -7.281  -2.160  1.00 36.45 ? 85  VAL A CG2 1 
ATOM   448 N  N   . THR A 1 92 ? 3.939   -9.725  -1.452  1.00 47.35 ? 86  THR A N   1 
ATOM   449 C  CA  . THR A 1 92 ? 5.015   -10.680 -1.645  1.00 51.33 ? 86  THR A CA  1 
ATOM   450 C  C   . THR A 1 92 ? 5.257   -11.551 -0.412  1.00 54.87 ? 86  THR A C   1 
ATOM   451 O  O   . THR A 1 92 ? 5.456   -12.763 -0.561  1.00 61.50 ? 86  THR A O   1 
ATOM   452 C  CB  . THR A 1 92 ? 6.294   -9.953  -2.065  1.00 46.98 ? 86  THR A CB  1 
ATOM   453 O  OG1 . THR A 1 92 ? 6.105   -9.389  -3.358  1.00 51.07 ? 86  THR A OG1 1 
ATOM   454 C  CG2 . THR A 1 92 ? 7.492   -10.870 -2.107  1.00 56.31 ? 86  THR A CG2 1 
ATOM   455 N  N   . LYS A 1 93 ? 5.232   -10.964 0.787   1.00 50.09 ? 87  LYS A N   1 
ATOM   456 C  CA  . LYS A 1 93 ? 5.340   -11.722 2.038   1.00 57.55 ? 87  LYS A CA  1 
ATOM   457 C  C   . LYS A 1 93 ? 4.153   -12.698 2.213   1.00 62.67 ? 87  LYS A C   1 
ATOM   458 O  O   . LYS A 1 93 ? 4.372   -13.849 2.615   1.00 66.74 ? 87  LYS A O   1 
ATOM   459 C  CB  . LYS A 1 93 ? 5.502   -10.815 3.290   1.00 55.44 ? 87  LYS A CB  1 
ATOM   460 N  N   . MET A 1 94 ? 2.917   -12.272 1.919   1.00 63.30 ? 88  MET A N   1 
ATOM   461 C  CA  . MET A 1 94 ? 1.761   -13.172 2.042   1.00 66.83 ? 88  MET A CA  1 
ATOM   462 C  C   . MET A 1 94 ? 1.774   -14.259 0.921   1.00 75.54 ? 88  MET A C   1 
ATOM   463 O  O   . MET A 1 94 ? 1.353   -15.416 1.161   1.00 71.88 ? 88  MET A O   1 
ATOM   464 C  CB  . MET A 1 94 ? 0.415   -12.411 2.210   1.00 67.33 ? 88  MET A CB  1 
ATOM   465 C  CG  . MET A 1 94 ? -0.424  -12.096 0.970   1.00 75.73 ? 88  MET A CG  1 
ATOM   466 S  SD  . MET A 1 94 ? -2.223  -11.862 1.278   1.00 90.72 ? 88  MET A SD  1 
ATOM   467 C  CE  . MET A 1 94 ? -2.246  -11.197 2.959   1.00 89.88 ? 88  MET A CE  1 
ATOM   468 N  N   . ALA A 1 95 ? 2.313   -13.910 -0.256  1.00 69.34 ? 89  ALA A N   1 
ATOM   469 C  CA  . ALA A 1 95 ? 2.466   -14.869 -1.358  1.00 72.68 ? 89  ALA A CA  1 
ATOM   470 C  C   . ALA A 1 95 ? 3.490   -15.939 -1.001  1.00 78.61 ? 89  ALA A C   1 
ATOM   471 O  O   . ALA A 1 95 ? 3.242   -17.121 -1.256  1.00 79.28 ? 89  ALA A O   1 
ATOM   472 C  CB  . ALA A 1 95 ? 2.855   -14.176 -2.657  1.00 71.67 ? 89  ALA A CB  1 
ATOM   473 N  N   . GLN A 1 96 ? 4.625   -15.544 -0.411  1.00 77.10 ? 90  GLN A N   1 
ATOM   474 C  CA  . GLN A 1 96 ? 5.549   -16.499 0.217   1.00 69.86 ? 90  GLN A CA  1 
ATOM   475 C  C   . GLN A 1 96 ? 4.732   -17.060 1.408   1.00 75.27 ? 90  GLN A C   1 
ATOM   476 O  O   . GLN A 1 96 ? 4.952   -16.712 2.548   1.00 66.94 ? 90  GLN A O   1 
ATOM   477 C  CB  . GLN A 1 96 ? 6.858   -15.812 0.630   1.00 64.09 ? 90  GLN A CB  1 
ATOM   478 N  N   . GLU A 1 97 ? 3.737   -17.891 1.088   1.00 84.45 ? 91  GLU A N   1 
ATOM   479 C  CA  . GLU A 1 97 ? 2.980   -18.722 2.025   1.00 84.17 ? 91  GLU A CA  1 
ATOM   480 C  C   . GLU A 1 97 ? 2.397   -19.780 1.070   1.00 90.57 ? 91  GLU A C   1 
ATOM   481 O  O   . GLU A 1 97 ? 1.188   -19.773 0.766   1.00 80.11 ? 91  GLU A O   1 
ATOM   482 C  CB  . GLU A 1 97 ? 1.877   -18.000 2.807   1.00 78.69 ? 91  GLU A CB  1 
ATOM   483 N  N   . ARG A 1 98 ? 3.299   -20.652 0.588   1.00 86.53 ? 92  ARG A N   1 
ATOM   484 C  CA  . ARG A 1 98 ? 3.052   -21.597 -0.503  1.00 84.75 ? 92  ARG A CA  1 
ATOM   485 C  C   . ARG A 1 98 ? 3.239   -20.918 -1.860  1.00 78.54 ? 92  ARG A C   1 
ATOM   486 O  O   . ARG A 1 98 ? 4.355   -20.565 -2.237  1.00 72.55 ? 92  ARG A O   1 
ATOM   487 C  CB  . ARG A 1 98 ? 1.654   -22.221 -0.402  1.00 86.22 ? 92  ARG A CB  1 
HETATM 488 CD CD  . CD  B 2 .  ? 11.602  12.845  -2.897  0.80 11.86 ? 201 CD  A CD  1 
HETATM 489 C  C1  . EDO C 3 .  ? -2.845  16.155  12.058  1.00 21.77 ? 202 EDO A C1  1 
HETATM 490 O  O1  . EDO C 3 .  ? -1.652  15.767  12.667  1.00 21.76 ? 202 EDO A O1  1 
HETATM 491 C  C2  . EDO C 3 .  ? -3.965  15.244  12.446  1.00 18.42 ? 202 EDO A C2  1 
HETATM 492 O  O2  . EDO C 3 .  ? -4.668  14.599  11.448  1.00 29.98 ? 202 EDO A O2  1 
HETATM 493 C  C1  . EDO D 3 .  ? -2.848  0.515   5.275   1.00 33.35 ? 203 EDO A C1  1 
HETATM 494 O  O1  . EDO D 3 .  ? -2.140  0.614   6.490   1.00 30.45 ? 203 EDO A O1  1 
HETATM 495 C  C2  . EDO D 3 .  ? -4.350  0.670   5.131   1.00 36.03 ? 203 EDO A C2  1 
HETATM 496 O  O2  . EDO D 3 .  ? -5.053  0.696   6.382   1.00 42.59 ? 203 EDO A O2  1 
HETATM 497 C  C1  . EDO E 3 .  ? -6.039  -0.270  -10.026 1.00 57.64 ? 204 EDO A C1  1 
HETATM 498 O  O1  . EDO E 3 .  ? -5.997  -1.229  -11.111 1.00 55.39 ? 204 EDO A O1  1 
HETATM 499 C  C2  . EDO E 3 .  ? -4.743  0.518   -9.850  1.00 47.59 ? 204 EDO A C2  1 
HETATM 500 O  O2  . EDO E 3 .  ? -3.694  -0.023  -9.032  1.00 55.40 ? 204 EDO A O2  1 
HETATM 501 O  O   . HOH F 4 .  ? 2.623   27.590  -0.758  1.00 62.07 ? 301 HOH A O   1 
HETATM 502 O  O   . HOH F 4 .  ? 1.542   25.411  4.186   1.00 55.05 ? 302 HOH A O   1 
HETATM 503 O  O   . HOH F 4 .  ? -6.500  2.280   5.193   1.00 37.03 ? 303 HOH A O   1 
HETATM 504 O  O   . HOH F 4 .  ? 2.853   -2.022  6.921   1.00 32.03 ? 304 HOH A O   1 
HETATM 505 O  O   . HOH F 4 .  ? -1.425  1.326   8.851   1.00 38.59 ? 305 HOH A O   1 
HETATM 506 O  O   . HOH F 4 .  ? -6.546  3.413   2.968   1.00 24.90 ? 306 HOH A O   1 
HETATM 507 O  O   . HOH F 4 .  ? 10.314  14.978  4.420   1.00 26.81 ? 307 HOH A O   1 
HETATM 508 O  O   . HOH F 4 .  ? 6.753   1.901   5.071   1.00 31.22 ? 308 HOH A O   1 
HETATM 509 O  O   . HOH F 4 .  ? 10.445  17.745  0.994   1.00 18.55 ? 309 HOH A O   1 
HETATM 510 O  O   . HOH F 4 .  ? 2.587   24.856  -3.607  1.00 40.61 ? 310 HOH A O   1 
HETATM 511 O  O   . HOH F 4 .  ? 7.803   18.382  -5.454  1.00 23.04 ? 311 HOH A O   1 
HETATM 512 O  O   . HOH F 4 .  ? -7.608  12.308  6.164   1.00 25.94 ? 312 HOH A O   1 
HETATM 513 O  O   . HOH F 4 .  ? 5.554   17.902  -7.244  1.00 30.27 ? 313 HOH A O   1 
HETATM 514 O  O   . HOH F 4 .  ? 9.629   8.818   -3.961  1.00 32.86 ? 314 HOH A O   1 
HETATM 515 O  O   . HOH F 4 .  ? 10.571  12.946  1.488   1.00 25.03 ? 315 HOH A O   1 
HETATM 516 O  O   . HOH F 4 .  ? -4.382  9.476   10.695  1.00 21.55 ? 316 HOH A O   1 
HETATM 517 O  O   . HOH F 4 .  ? 7.903   1.769   2.329   1.00 37.15 ? 317 HOH A O   1 
HETATM 518 O  O   . HOH F 4 .  ? -2.934  20.121  7.688   1.00 43.49 ? 318 HOH A O   1 
HETATM 519 O  O   . HOH F 4 .  ? 3.783   17.065  3.152   1.00 15.62 ? 319 HOH A O   1 
HETATM 520 O  O   . HOH F 4 .  ? 6.503   2.349   -4.731  1.00 37.58 ? 320 HOH A O   1 
HETATM 521 O  O   . HOH F 4 .  ? -10.912 4.502   -2.863  1.00 35.34 ? 321 HOH A O   1 
HETATM 522 O  O   . HOH F 4 .  ? -3.353  8.095   6.810   1.00 16.48 ? 322 HOH A O   1 
HETATM 523 O  O   . HOH F 4 .  ? 8.178   12.708  -5.102  1.00 17.48 ? 323 HOH A O   1 
HETATM 524 O  O   . HOH F 4 .  ? -11.867 1.578   -4.890  1.00 49.56 ? 324 HOH A O   1 
HETATM 525 O  O   . HOH F 4 .  ? -1.946  22.398  5.181   1.00 41.43 ? 325 HOH A O   1 
HETATM 526 O  O   . HOH F 4 .  ? 7.969   4.993   6.122   1.00 38.09 ? 326 HOH A O   1 
HETATM 527 O  O   . HOH F 4 .  ? 9.447   7.116   -1.309  1.00 33.81 ? 327 HOH A O   1 
HETATM 528 O  O   . HOH F 4 .  ? -1.974  -6.220  5.217   1.00 46.26 ? 328 HOH A O   1 
HETATM 529 O  O   . HOH F 4 .  ? -9.507  6.182   2.039   1.00 33.59 ? 329 HOH A O   1 
HETATM 530 O  O   . HOH F 4 .  ? -6.875  7.073   9.189   1.00 28.47 ? 330 HOH A O   1 
HETATM 531 O  O   . HOH F 4 .  ? -9.526  5.856   -1.092  1.00 22.03 ? 331 HOH A O   1 
HETATM 532 O  O   . HOH F 4 .  ? 4.741   29.445  1.481   1.00 51.59 ? 332 HOH A O   1 
HETATM 533 O  O   . HOH F 4 .  ? 6.829   3.556   9.318   1.00 41.41 ? 333 HOH A O   1 
HETATM 534 O  O   . HOH F 4 .  ? 6.586   9.949   10.484  1.00 36.46 ? 334 HOH A O   1 
HETATM 535 O  O   . HOH F 4 .  ? 0.172   -1.413  7.254   1.00 34.37 ? 335 HOH A O   1 
HETATM 536 O  O   . HOH F 4 .  ? -6.969  12.435  11.067  1.00 34.99 ? 336 HOH A O   1 
HETATM 537 O  O   . HOH F 4 .  ? 0.992   27.696  2.138   1.00 58.52 ? 337 HOH A O   1 
HETATM 538 O  O   . HOH F 4 .  ? 8.546   11.525  2.956   1.00 30.02 ? 338 HOH A O   1 
HETATM 539 O  O   . HOH F 4 .  ? -7.703  3.947   7.024   1.00 51.96 ? 339 HOH A O   1 
HETATM 540 O  O   . HOH F 4 .  ? 4.137   23.755  -4.810  1.00 39.94 ? 340 HOH A O   1 
HETATM 541 O  O   . HOH F 4 .  ? 8.291   6.696   2.648   1.00 36.72 ? 341 HOH A O   1 
HETATM 542 O  O   . HOH F 4 .  ? 8.996   7.726   6.230   1.00 51.31 ? 342 HOH A O   1 
HETATM 543 O  O   . HOH F 4 .  ? -8.524  2.627   2.013   1.00 42.82 ? 343 HOH A O   1 
HETATM 544 O  O   . HOH F 4 .  ? 8.208   7.751   10.478  1.00 43.82 ? 344 HOH A O   1 
HETATM 545 O  O   . HOH F 4 .  ? 9.248   8.836   2.594   1.00 37.59 ? 345 HOH A O   1 
HETATM 546 O  O   . HOH F 4 .  ? -3.616  0.531   10.155  1.00 44.60 ? 346 HOH A O   1 
HETATM 547 O  O   . HOH F 4 .  ? -5.416  9.061   8.348   1.00 19.83 ? 347 HOH A O   1 
HETATM 548 O  O   . HOH F 4 .  ? 4.786   17.485  5.345   1.00 30.78 ? 348 HOH A O   1 
HETATM 549 O  O   . HOH F 4 .  ? 7.023   5.714   12.647  1.00 38.02 ? 349 HOH A O   1 
HETATM 550 O  O   . HOH F 4 .  ? -7.198  10.981  8.398   1.00 39.84 ? 350 HOH A O   1 
HETATM 551 O  O   . HOH F 4 .  ? -6.975  14.418  14.884  1.00 31.84 ? 351 HOH A O   1 
HETATM 552 O  O   . HOH F 4 .  ? -9.123  0.717   5.589   1.00 52.62 ? 352 HOH A O   1 
HETATM 553 O  O   . HOH F 4 .  ? 9.101   16.204  6.909   1.00 45.00 ? 353 HOH A O   1 
HETATM 554 O  O   . HOH F 4 .  ? 0.145   26.173  -3.332  1.00 44.82 ? 354 HOH A O   1 
HETATM 555 O  O   . HOH F 4 .  ? 8.119   9.921   7.849   1.00 45.55 ? 355 HOH A O   1 
HETATM 556 O  O   . HOH F 4 .  ? -9.322  6.550   8.117   1.00 45.02 ? 356 HOH A O   1 
HETATM 557 O  O   . HOH F 4 .  ? -3.182  24.671  3.243   0.50 38.14 ? 357 HOH A O   1 
HETATM 558 O  O   . HOH F 4 .  ? -10.645 8.887   6.273   1.00 49.30 ? 358 HOH A O   1 
HETATM 559 O  O   . HOH F 4 .  ? 8.216   11.580  5.773   1.00 42.26 ? 359 HOH A O   1 
HETATM 560 O  O   . HOH F 4 .  ? -10.088 3.327   10.504  1.00 64.92 ? 360 HOH A O   1 
HETATM 561 O  O   . HOH F 4 .  ? 6.856   13.182  7.200   1.00 38.31 ? 361 HOH A O   1 
HETATM 562 O  O   . HOH F 4 .  ? 5.980   15.483  7.690   1.00 52.92 ? 362 HOH A O   1 
# 
loop_
_pdbx_poly_seq_scheme.asym_id 
_pdbx_poly_seq_scheme.entity_id 
_pdbx_poly_seq_scheme.seq_id 
_pdbx_poly_seq_scheme.mon_id 
_pdbx_poly_seq_scheme.ndb_seq_num 
_pdbx_poly_seq_scheme.pdb_seq_num 
_pdbx_poly_seq_scheme.auth_seq_num 
_pdbx_poly_seq_scheme.pdb_mon_id 
_pdbx_poly_seq_scheme.auth_mon_id 
_pdbx_poly_seq_scheme.pdb_strand_id 
_pdbx_poly_seq_scheme.pdb_ins_code 
_pdbx_poly_seq_scheme.hetero 
A 1 1   HIS 1   -5  ?  ?   ?   A . n 
A 1 2   HIS 2   -4  ?  ?   ?   A . n 
A 1 3   HIS 3   -3  ?  ?   ?   A . n 
A 1 4   HIS 4   -2  ?  ?   ?   A . n 
A 1 5   HIS 5   -1  ?  ?   ?   A . n 
A 1 6   HIS 6   0   ?  ?   ?   A . n 
A 1 7   MET 7   1   ?  ?   ?   A . n 
A 1 8   GLN 8   2   ?  ?   ?   A . n 
A 1 9   PRO 9   3   ?  ?   ?   A . n 
A 1 10  GLY 10  4   ?  ?   ?   A . n 
A 1 11  GLY 11  5   ?  ?   ?   A . n 
A 1 12  ASP 12  6   ?  ?   ?   A . n 
A 1 13  MET 13  7   ?  ?   ?   A . n 
A 1 14  SER 14  8   ?  ?   ?   A . n 
A 1 15  ALA 15  9   ?  ?   ?   A . n 
A 1 16  LEU 16  10  ?  ?   ?   A . n 
A 1 17  LEU 17  11  ?  ?   ?   A . n 
A 1 18  ALA 18  12  ?  ?   ?   A . n 
A 1 19  GLN 19  13  ?  ?   ?   A . n 
A 1 20  ALA 20  14  ?  ?   ?   A . n 
A 1 21  GLN 21  15  ?  ?   ?   A . n 
A 1 22  GLN 22  16  ?  ?   ?   A . n 
A 1 23  MET 23  17  ?  ?   ?   A . n 
A 1 24  GLN 24  18  ?  ?   ?   A . n 
A 1 25  GLN 25  19  ?  ?   ?   A . n 
A 1 26  LYS 26  20  ?  ?   ?   A . n 
A 1 27  LEU 27  21  ?  ?   ?   A . n 
A 1 28  LEU 28  22  22 LEU LEU A . n 
A 1 29  GLU 29  23  23 GLU GLU A . n 
A 1 30  ALA 30  24  24 ALA ALA A . n 
A 1 31  GLN 31  25  25 GLN GLN A . n 
A 1 32  GLN 32  26  26 GLN GLN A . n 
A 1 33  GLN 33  27  27 GLN ALA A . n 
A 1 34  LEU 34  28  28 LEU LEU A . n 
A 1 35  ALA 35  29  29 ALA ALA A . n 
A 1 36  ASN 36  30  30 ASN ASN A . n 
A 1 37  SER 37  31  31 SER SER A . n 
A 1 38  GLU 38  32  32 GLU GLU A . n 
A 1 39  VAL 39  33  33 VAL VAL A . n 
A 1 40  HIS 40  34  34 HIS HIS A . n 
A 1 41  GLY 41  35  35 GLY GLY A . n 
A 1 42  GLN 42  36  36 GLN GLN A . n 
A 1 43  ALA 43  37  37 ALA ALA A . n 
A 1 44  GLY 44  38  38 GLY GLY A . n 
A 1 45  GLY 45  39  39 GLY GLY A . n 
A 1 46  GLY 46  40  40 GLY GLY A . n 
A 1 47  LEU 47  41  41 LEU LEU A . n 
A 1 48  VAL 48  42  42 VAL VAL A . n 
A 1 49  LYS 49  43  43 LYS LYS A . n 
A 1 50  VAL 50  44  44 VAL VAL A . n 
A 1 51  VAL 51  45  45 VAL VAL A . n 
A 1 52  VAL 52  46  46 VAL VAL A . n 
A 1 53  LYS 53  47  47 LYS LYS A . n 
A 1 54  GLY 54  48  48 GLY GLY A . n 
A 1 55  SER 55  49  49 SER SER A . n 
A 1 56  GLY 56  50  50 GLY GLY A . n 
A 1 57  GLU 57  51  51 GLU GLU A . n 
A 1 58  VAL 58  52  52 VAL VAL A . n 
A 1 59  ILE 59  53  53 ILE ILE A . n 
A 1 60  GLY 60  54  54 GLY GLY A . n 
A 1 61  VAL 61  55  55 VAL VAL A . n 
A 1 62  THR 62  56  56 THR THR A . n 
A 1 63  ILE 63  57  57 ILE ILE A . n 
A 1 64  ASP 64  58  58 ASP ASP A . n 
A 1 65  PRO 65  59  59 PRO PRO A . n 
A 1 66  LYS 66  60  60 LYS LYS A . n 
A 1 67  VAL 67  61  61 VAL VAL A . n 
A 1 68  VAL 68  62  62 VAL VAL A . n 
A 1 69  ASP 69  63  63 ASP ASP A . n 
A 1 70  PRO 70  64  64 PRO PRO A . n 
A 1 71  ASP 71  65  65 ASP ASP A . n 
A 1 72  ASP 72  66  66 ASP ASP A . n 
A 1 73  ILE 73  67  67 ILE ILE A . n 
A 1 74  GLU 74  68  68 GLU GLU A . n 
A 1 75  THR 75  69  69 THR THR A . n 
A 1 76  LEU 76  70  70 LEU LEU A . n 
A 1 77  GLN 77  71  71 GLN GLN A . n 
A 1 78  ASP 78  72  72 ASP ASP A . n 
A 1 79  LEU 79  73  73 LEU LEU A . n 
A 1 80  ILE 80  74  74 ILE ILE A . n 
A 1 81  VAL 81  75  75 VAL VAL A . n 
A 1 82  GLY 82  76  76 GLY GLY A . n 
A 1 83  ALA 83  77  77 ALA ALA A . n 
A 1 84  MET 84  78  78 MET MET A . n 
A 1 85  ARG 85  79  79 ARG ARG A . n 
A 1 86  ASP 86  80  80 ASP ASP A . n 
A 1 87  ALA 87  81  81 ALA ALA A . n 
A 1 88  SER 88  82  82 SER SER A . n 
A 1 89  GLN 89  83  83 GLN GLN A . n 
A 1 90  GLN 90  84  84 GLN GLN A . n 
A 1 91  VAL 91  85  85 VAL VAL A . n 
A 1 92  THR 92  86  86 THR THR A . n 
A 1 93  LYS 93  87  87 LYS LYS A . n 
A 1 94  MET 94  88  88 MET MET A . n 
A 1 95  ALA 95  89  89 ALA ALA A . n 
A 1 96  GLN 96  90  90 GLN GLN A . n 
A 1 97  GLU 97  91  91 GLU GLU A . n 
A 1 98  ARG 98  92  92 ARG ARG A . n 
A 1 99  LEU 99  93  ?  ?   ?   A . n 
A 1 100 GLY 100 94  ?  ?   ?   A . n 
A 1 101 ALA 101 95  ?  ?   ?   A . n 
A 1 102 LEU 102 96  ?  ?   ?   A . n 
A 1 103 ALA 103 97  ?  ?   ?   A . n 
A 1 104 GLY 104 98  ?  ?   ?   A . n 
A 1 105 ALA 105 99  ?  ?   ?   A . n 
A 1 106 MET 106 100 ?  ?   ?   A . n 
A 1 107 ARG 107 101 ?  ?   ?   A . n 
A 1 108 PRO 108 102 ?  ?   ?   A . n 
A 1 109 PRO 109 103 ?  ?   ?   A . n 
A 1 110 ALA 110 104 ?  ?   ?   A . n 
A 1 111 PRO 111 105 ?  ?   ?   A . n 
A 1 112 PRO 112 106 ?  ?   ?   A . n 
A 1 113 ALA 113 107 ?  ?   ?   A . n 
A 1 114 ALA 114 108 ?  ?   ?   A . n 
A 1 115 PRO 115 109 ?  ?   ?   A . n 
A 1 116 PRO 116 110 ?  ?   ?   A . n 
A 1 117 GLY 117 111 ?  ?   ?   A . n 
A 1 118 ALA 118 112 ?  ?   ?   A . n 
A 1 119 PRO 119 113 ?  ?   ?   A . n 
A 1 120 GLY 120 114 ?  ?   ?   A . n 
A 1 121 MET 121 115 ?  ?   ?   A . n 
A 1 122 PRO 122 116 ?  ?   ?   A . n 
A 1 123 GLY 123 117 ?  ?   ?   A . n 
A 1 124 MET 124 118 ?  ?   ?   A . n 
A 1 125 PRO 125 119 ?  ?   ?   A . n 
A 1 126 GLY 126 120 ?  ?   ?   A . n 
A 1 127 MET 127 121 ?  ?   ?   A . n 
A 1 128 PRO 128 122 ?  ?   ?   A . n 
A 1 129 GLY 129 123 ?  ?   ?   A . n 
A 1 130 ALA 130 124 ?  ?   ?   A . n 
A 1 131 PRO 131 125 ?  ?   ?   A . n 
A 1 132 GLY 132 126 ?  ?   ?   A . n 
A 1 133 ALA 133 127 ?  ?   ?   A . n 
A 1 134 PRO 134 128 ?  ?   ?   A . n 
A 1 135 PRO 135 129 ?  ?   ?   A . n 
A 1 136 VAL 136 130 ?  ?   ?   A . n 
A 1 137 PRO 137 131 ?  ?   ?   A . n 
A 1 138 GLY 138 132 ?  ?   ?   A . n 
A 1 139 ILE 139 133 ?  ?   ?   A . n 
# 
loop_
_pdbx_nonpoly_scheme.asym_id 
_pdbx_nonpoly_scheme.entity_id 
_pdbx_nonpoly_scheme.mon_id 
_pdbx_nonpoly_scheme.ndb_seq_num 
_pdbx_nonpoly_scheme.pdb_seq_num 
_pdbx_nonpoly_scheme.auth_seq_num 
_pdbx_nonpoly_scheme.pdb_mon_id 
_pdbx_nonpoly_scheme.auth_mon_id 
_pdbx_nonpoly_scheme.pdb_strand_id 
_pdbx_nonpoly_scheme.pdb_ins_code 
B 2 CD  1  201 93  CD  CD  A . 
C 3 EDO 1  202 94  EDO EDO A . 
D 3 EDO 1  203 95  EDO EDO A . 
E 3 EDO 1  204 96  EDO EDO A . 
F 4 HOH 1  301 157 HOH HOH A . 
F 4 HOH 2  302 155 HOH HOH A . 
F 4 HOH 3  303 124 HOH HOH A . 
F 4 HOH 4  304 115 HOH HOH A . 
F 4 HOH 5  305 132 HOH HOH A . 
F 4 HOH 6  306 105 HOH HOH A . 
F 4 HOH 7  307 108 HOH HOH A . 
F 4 HOH 8  308 113 HOH HOH A . 
F 4 HOH 9  309 100 HOH HOH A . 
F 4 HOH 10 310 135 HOH HOH A . 
F 4 HOH 11 311 104 HOH HOH A . 
F 4 HOH 12 312 107 HOH HOH A . 
F 4 HOH 13 313 111 HOH HOH A . 
F 4 HOH 14 314 116 HOH HOH A . 
F 4 HOH 15 315 106 HOH HOH A . 
F 4 HOH 16 316 102 HOH HOH A . 
F 4 HOH 17 317 125 HOH HOH A . 
F 4 HOH 18 318 140 HOH HOH A . 
F 4 HOH 19 319 97  HOH HOH A . 
F 4 HOH 20 320 126 HOH HOH A . 
F 4 HOH 21 321 121 HOH HOH A . 
F 4 HOH 22 322 98  HOH HOH A . 
F 4 HOH 23 323 99  HOH HOH A . 
F 4 HOH 24 324 149 HOH HOH A . 
F 4 HOH 25 325 137 HOH HOH A . 
F 4 HOH 26 326 129 HOH HOH A . 
F 4 HOH 27 327 118 HOH HOH A . 
F 4 HOH 28 328 147 HOH HOH A . 
F 4 HOH 29 329 117 HOH HOH A . 
F 4 HOH 30 330 109 HOH HOH A . 
F 4 HOH 31 331 103 HOH HOH A . 
F 4 HOH 32 332 151 HOH HOH A . 
F 4 HOH 33 333 136 HOH HOH A . 
F 4 HOH 34 334 122 HOH HOH A . 
F 4 HOH 35 335 119 HOH HOH A . 
F 4 HOH 36 336 120 HOH HOH A . 
F 4 HOH 37 337 156 HOH HOH A . 
F 4 HOH 38 338 110 HOH HOH A . 
F 4 HOH 39 339 152 HOH HOH A . 
F 4 HOH 40 340 134 HOH HOH A . 
F 4 HOH 41 341 123 HOH HOH A . 
F 4 HOH 42 342 150 HOH HOH A . 
F 4 HOH 43 343 139 HOH HOH A . 
F 4 HOH 44 344 141 HOH HOH A . 
F 4 HOH 45 345 127 HOH HOH A . 
F 4 HOH 46 346 142 HOH HOH A . 
F 4 HOH 47 347 101 HOH HOH A . 
F 4 HOH 48 348 112 HOH HOH A . 
F 4 HOH 49 349 128 HOH HOH A . 
F 4 HOH 50 350 133 HOH HOH A . 
F 4 HOH 51 351 114 HOH HOH A . 
F 4 HOH 52 352 153 HOH HOH A . 
F 4 HOH 53 353 144 HOH HOH A . 
F 4 HOH 54 354 143 HOH HOH A . 
F 4 HOH 55 355 146 HOH HOH A . 
F 4 HOH 56 356 145 HOH HOH A . 
F 4 HOH 57 357 130 HOH HOH A . 
F 4 HOH 58 358 148 HOH HOH A . 
F 4 HOH 59 359 138 HOH HOH A . 
F 4 HOH 60 360 158 HOH HOH A . 
F 4 HOH 61 361 131 HOH HOH A . 
F 4 HOH 62 362 154 HOH HOH A . 
# 
_pdbx_struct_assembly.id                   1 
_pdbx_struct_assembly.details              author_and_software_defined_assembly 
_pdbx_struct_assembly.method_details       PISA 
_pdbx_struct_assembly.oligomeric_details   dimeric 
_pdbx_struct_assembly.oligomeric_count     2 
# 
_pdbx_struct_assembly_gen.assembly_id       1 
_pdbx_struct_assembly_gen.oper_expression   1,2 
_pdbx_struct_assembly_gen.asym_id_list      A,B,C,D,E,F 
# 
loop_
_pdbx_struct_assembly_prop.biol_id 
_pdbx_struct_assembly_prop.type 
_pdbx_struct_assembly_prop.value 
_pdbx_struct_assembly_prop.details 
1 'ABSA (A^2)' 2360 ? 
1 MORE         -13  ? 
1 'SSA (A^2)'  8010 ? 
# 
loop_
_pdbx_struct_oper_list.id 
_pdbx_struct_oper_list.type 
_pdbx_struct_oper_list.name 
_pdbx_struct_oper_list.symmetry_operation 
_pdbx_struct_oper_list.matrix[1][1] 
_pdbx_struct_oper_list.matrix[1][2] 
_pdbx_struct_oper_list.matrix[1][3] 
_pdbx_struct_oper_list.vector[1] 
_pdbx_struct_oper_list.matrix[2][1] 
_pdbx_struct_oper_list.matrix[2][2] 
_pdbx_struct_oper_list.matrix[2][3] 
_pdbx_struct_oper_list.vector[2] 
_pdbx_struct_oper_list.matrix[3][1] 
_pdbx_struct_oper_list.matrix[3][2] 
_pdbx_struct_oper_list.matrix[3][3] 
_pdbx_struct_oper_list.vector[3] 
1 'identity operation'         1_555 x,y,z         1.0000000000  0.0000000000  0.0000000000  0.0000000000  0.0000000000  1.0000000000 0.0000000000 0.0000000000 0.0000000000  0.0000000000 1.0000000000  0.0000000000   
2 'crystal symmetry operation' 3_457 -x-1,y,-z+5/2 -0.9704350468 -0.2207092009 -0.0976896543 -0.5086757250 -0.2207092009 0.6476451372 0.7292758222 5.6251639809 -0.0976896543 0.7292758222 -0.6772100904 -12.8628198082 
# 
_pdbx_struct_special_symmetry.id              1 
_pdbx_struct_special_symmetry.PDB_model_num   1 
_pdbx_struct_special_symmetry.auth_asym_id    A 
_pdbx_struct_special_symmetry.auth_comp_id    HOH 
_pdbx_struct_special_symmetry.auth_seq_id     357 
_pdbx_struct_special_symmetry.PDB_ins_code    ? 
_pdbx_struct_special_symmetry.label_asym_id   F 
_pdbx_struct_special_symmetry.label_comp_id   HOH 
_pdbx_struct_special_symmetry.label_seq_id    . 
# 
loop_
_pdbx_struct_conn_angle.id 
_pdbx_struct_conn_angle.ptnr1_label_atom_id 
_pdbx_struct_conn_angle.ptnr1_label_alt_id 
_pdbx_struct_conn_angle.ptnr1_label_asym_id 
_pdbx_struct_conn_angle.ptnr1_label_comp_id 
_pdbx_struct_conn_angle.ptnr1_label_seq_id 
_pdbx_struct_conn_angle.ptnr1_auth_atom_id 
_pdbx_struct_conn_angle.ptnr1_auth_asym_id 
_pdbx_struct_conn_angle.ptnr1_auth_comp_id 
_pdbx_struct_conn_angle.ptnr1_auth_seq_id 
_pdbx_struct_conn_angle.ptnr1_PDB_ins_code 
_pdbx_struct_conn_angle.ptnr1_symmetry 
_pdbx_struct_conn_angle.ptnr2_label_atom_id 
_pdbx_struct_conn_angle.ptnr2_label_alt_id 
_pdbx_struct_conn_angle.ptnr2_label_asym_id 
_pdbx_struct_conn_angle.ptnr2_label_comp_id 
_pdbx_struct_conn_angle.ptnr2_label_seq_id 
_pdbx_struct_conn_angle.ptnr2_auth_atom_id 
_pdbx_struct_conn_angle.ptnr2_auth_asym_id 
_pdbx_struct_conn_angle.ptnr2_auth_comp_id 
_pdbx_struct_conn_angle.ptnr2_auth_seq_id 
_pdbx_struct_conn_angle.ptnr2_PDB_ins_code 
_pdbx_struct_conn_angle.ptnr2_symmetry 
_pdbx_struct_conn_angle.ptnr3_label_atom_id 
_pdbx_struct_conn_angle.ptnr3_label_alt_id 
_pdbx_struct_conn_angle.ptnr3_label_asym_id 
_pdbx_struct_conn_angle.ptnr3_label_comp_id 
_pdbx_struct_conn_angle.ptnr3_label_seq_id 
_pdbx_struct_conn_angle.ptnr3_auth_atom_id 
_pdbx_struct_conn_angle.ptnr3_auth_asym_id 
_pdbx_struct_conn_angle.ptnr3_auth_comp_id 
_pdbx_struct_conn_angle.ptnr3_auth_seq_id 
_pdbx_struct_conn_angle.ptnr3_PDB_ins_code 
_pdbx_struct_conn_angle.ptnr3_symmetry 
_pdbx_struct_conn_angle.value 
_pdbx_struct_conn_angle.value_esd 
1  OD1 ? A ASP 64 ? A ASP 58 ? 1_555 CD ? B CD . ? A CD 201 ? 6_354 OD2 ? A ASP 64 ? A ASP 58  ? 1_555 53.5 ? 
2  OD1 ? A ASP 64 ? A ASP 58 ? 1_555 CD ? B CD . ? A CD 201 ? 6_354 OE2 ? A GLU 74 ? A GLU 68  ? 1_555 28.2 ? 
3  OD2 ? A ASP 64 ? A ASP 58 ? 1_555 CD ? B CD . ? A CD 201 ? 6_354 OE2 ? A GLU 74 ? A GLU 68  ? 1_555 68.7 ? 
4  OD1 ? A ASP 64 ? A ASP 58 ? 1_555 CD ? B CD . ? A CD 201 ? 6_354 OD1 ? A ASP 78 ? A ASP 72  ? 1_555 30.9 ? 
5  OD2 ? A ASP 64 ? A ASP 58 ? 1_555 CD ? B CD . ? A CD 201 ? 6_354 OD1 ? A ASP 78 ? A ASP 72  ? 1_555 62.8 ? 
6  OE2 ? A GLU 74 ? A GLU 68 ? 1_555 CD ? B CD . ? A CD 201 ? 6_354 OD1 ? A ASP 78 ? A ASP 72  ? 1_555 9.1  ? 
7  OD1 ? A ASP 64 ? A ASP 58 ? 1_555 CD ? B CD . ? A CD 201 ? 6_354 OD2 ? A ASP 78 ? A ASP 72  ? 1_555 35.1 ? 
8  OD2 ? A ASP 64 ? A ASP 58 ? 1_555 CD ? B CD . ? A CD 201 ? 6_354 OD2 ? A ASP 78 ? A ASP 72  ? 1_555 69.0 ? 
9  OE2 ? A GLU 74 ? A GLU 68 ? 1_555 CD ? B CD . ? A CD 201 ? 6_354 OD2 ? A ASP 78 ? A ASP 72  ? 1_555 8.4  ? 
10 OD1 ? A ASP 78 ? A ASP 72 ? 1_555 CD ? B CD . ? A CD 201 ? 6_354 OD2 ? A ASP 78 ? A ASP 72  ? 1_555 6.3  ? 
11 OD1 ? A ASP 64 ? A ASP 58 ? 1_555 CD ? B CD . ? A CD 201 ? 6_354 O1  ? C EDO .  ? A EDO 202 ? 6_355 32.7 ? 
12 OD2 ? A ASP 64 ? A ASP 58 ? 1_555 CD ? B CD . ? A CD 201 ? 6_354 O1  ? C EDO .  ? A EDO 202 ? 6_355 64.7 ? 
13 OE2 ? A GLU 74 ? A GLU 68 ? 1_555 CD ? B CD . ? A CD 201 ? 6_354 O1  ? C EDO .  ? A EDO 202 ? 6_355 9.0  ? 
14 OD1 ? A ASP 78 ? A ASP 72 ? 1_555 CD ? B CD . ? A CD 201 ? 6_354 O1  ? C EDO .  ? A EDO 202 ? 6_355 2.1  ? 
15 OD2 ? A ASP 78 ? A ASP 72 ? 1_555 CD ? B CD . ? A CD 201 ? 6_354 O1  ? C EDO .  ? A EDO 202 ? 6_355 4.3  ? 
# 
loop_
_pdbx_audit_revision_history.ordinal 
_pdbx_audit_revision_history.data_content_type 
_pdbx_audit_revision_history.major_revision 
_pdbx_audit_revision_history.minor_revision 
_pdbx_audit_revision_history.revision_date 
1 'Structure model' 1 0 2018-05-16 
2 'Structure model' 1 1 2023-11-22 
# 
_pdbx_audit_revision_details.ordinal             1 
_pdbx_audit_revision_details.revision_ordinal    1 
_pdbx_audit_revision_details.data_content_type   'Structure model' 
_pdbx_audit_revision_details.provider            repository 
_pdbx_audit_revision_details.type                'Initial release' 
_pdbx_audit_revision_details.description         ? 
_pdbx_audit_revision_details.details             ? 
# 
loop_
_pdbx_audit_revision_group.ordinal 
_pdbx_audit_revision_group.revision_ordinal 
_pdbx_audit_revision_group.data_content_type 
_pdbx_audit_revision_group.group 
1 2 'Structure model' 'Data collection'        
2 2 'Structure model' 'Database references'    
3 2 'Structure model' 'Derived calculations'   
4 2 'Structure model' 'Refinement description' 
# 
loop_
_pdbx_audit_revision_category.ordinal 
_pdbx_audit_revision_category.revision_ordinal 
_pdbx_audit_revision_category.data_content_type 
_pdbx_audit_revision_category.category 
1 2 'Structure model' chem_comp_atom                
2 2 'Structure model' chem_comp_bond                
3 2 'Structure model' database_2                    
4 2 'Structure model' pdbx_initial_refinement_model 
5 2 'Structure model' pdbx_struct_conn_angle        
6 2 'Structure model' struct_conn                   
# 
loop_
_pdbx_audit_revision_item.ordinal 
_pdbx_audit_revision_item.revision_ordinal 
_pdbx_audit_revision_item.data_content_type 
_pdbx_audit_revision_item.item 
1  2 'Structure model' '_database_2.pdbx_DOI'                        
2  2 'Structure model' '_database_2.pdbx_database_accession'         
3  2 'Structure model' '_pdbx_struct_conn_angle.ptnr1_auth_comp_id'  
4  2 'Structure model' '_pdbx_struct_conn_angle.ptnr1_auth_seq_id'   
5  2 'Structure model' '_pdbx_struct_conn_angle.ptnr1_label_atom_id' 
6  2 'Structure model' '_pdbx_struct_conn_angle.ptnr1_label_comp_id' 
7  2 'Structure model' '_pdbx_struct_conn_angle.ptnr1_label_seq_id'  
8  2 'Structure model' '_pdbx_struct_conn_angle.ptnr2_symmetry'      
9  2 'Structure model' '_pdbx_struct_conn_angle.ptnr3_auth_comp_id'  
10 2 'Structure model' '_pdbx_struct_conn_angle.ptnr3_auth_seq_id'   
11 2 'Structure model' '_pdbx_struct_conn_angle.ptnr3_label_atom_id' 
12 2 'Structure model' '_pdbx_struct_conn_angle.ptnr3_label_comp_id' 
13 2 'Structure model' '_pdbx_struct_conn_angle.ptnr3_label_seq_id'  
14 2 'Structure model' '_pdbx_struct_conn_angle.value'               
15 2 'Structure model' '_struct_conn.pdbx_dist_value'                
16 2 'Structure model' '_struct_conn.ptnr1_auth_comp_id'             
17 2 'Structure model' '_struct_conn.ptnr1_auth_seq_id'              
18 2 'Structure model' '_struct_conn.ptnr1_label_atom_id'            
19 2 'Structure model' '_struct_conn.ptnr1_label_comp_id'            
20 2 'Structure model' '_struct_conn.ptnr1_label_seq_id'             
21 2 'Structure model' '_struct_conn.ptnr2_symmetry'                 
# 
loop_
_software.citation_id 
_software.classification 
_software.compiler_name 
_software.compiler_version 
_software.contact_author 
_software.contact_author_email 
_software.date 
_software.description 
_software.dependencies 
_software.hardware 
_software.language 
_software.location 
_software.mods 
_software.name 
_software.os 
_software.os_version 
_software.type 
_software.version 
_software.pdbx_ordinal 
? refinement       ? ? ? ? ? ? ? ? ? ? ? REFMAC  ? ? ? 5.8.0069 1 
? 'data reduction' ? ? ? ? ? ? ? ? ? ? ? iMOSFLM ? ? ? .        2 
? 'data scaling'   ? ? ? ? ? ? ? ? ? ? ? SCALA   ? ? ? .        3 
? phasing          ? ? ? ? ? ? ? ? ? ? ? PHASER  ? ? ? .        4 
# 
loop_
_pdbx_validate_torsion.id 
_pdbx_validate_torsion.PDB_model_num 
_pdbx_validate_torsion.auth_comp_id 
_pdbx_validate_torsion.auth_asym_id 
_pdbx_validate_torsion.auth_seq_id 
_pdbx_validate_torsion.PDB_ins_code 
_pdbx_validate_torsion.label_alt_id 
_pdbx_validate_torsion.phi 
_pdbx_validate_torsion.psi 
1 1 GLN A 27 ? ? -75.22  28.09 
2 1 GLN A 90 ? ? -65.84  72.30 
3 1 GLU A 91 ? ? -159.97 71.31 
# 
loop_
_pdbx_unobs_or_zero_occ_atoms.id 
_pdbx_unobs_or_zero_occ_atoms.PDB_model_num 
_pdbx_unobs_or_zero_occ_atoms.polymer_flag 
_pdbx_unobs_or_zero_occ_atoms.occupancy_flag 
_pdbx_unobs_or_zero_occ_atoms.auth_asym_id 
_pdbx_unobs_or_zero_occ_atoms.auth_comp_id 
_pdbx_unobs_or_zero_occ_atoms.auth_seq_id 
_pdbx_unobs_or_zero_occ_atoms.PDB_ins_code 
_pdbx_unobs_or_zero_occ_atoms.auth_atom_id 
_pdbx_unobs_or_zero_occ_atoms.label_alt_id 
_pdbx_unobs_or_zero_occ_atoms.label_asym_id 
_pdbx_unobs_or_zero_occ_atoms.label_comp_id 
_pdbx_unobs_or_zero_occ_atoms.label_seq_id 
_pdbx_unobs_or_zero_occ_atoms.label_atom_id 
1  1 Y 1 A GLU 23 ? CG  ? A GLU 29 CG  
2  1 Y 1 A GLU 23 ? CD  ? A GLU 29 CD  
3  1 Y 1 A GLU 23 ? OE1 ? A GLU 29 OE1 
4  1 Y 1 A GLU 23 ? OE2 ? A GLU 29 OE2 
5  1 Y 1 A GLN 25 ? CG  ? A GLN 31 CG  
6  1 Y 1 A GLN 25 ? CD  ? A GLN 31 CD  
7  1 Y 1 A GLN 25 ? OE1 ? A GLN 31 OE1 
8  1 Y 1 A GLN 25 ? NE2 ? A GLN 31 NE2 
9  1 Y 1 A GLN 26 ? CG  ? A GLN 32 CG  
10 1 Y 1 A GLN 26 ? CD  ? A GLN 32 CD  
11 1 Y 1 A GLN 26 ? OE1 ? A GLN 32 OE1 
12 1 Y 1 A GLN 26 ? NE2 ? A GLN 32 NE2 
13 1 Y 1 A GLN 27 ? CG  ? A GLN 33 CG  
14 1 Y 1 A GLN 27 ? CD  ? A GLN 33 CD  
15 1 Y 1 A GLN 27 ? OE1 ? A GLN 33 OE1 
16 1 Y 1 A GLN 27 ? NE2 ? A GLN 33 NE2 
17 1 Y 1 A ASN 30 ? CG  ? A ASN 36 CG  
18 1 Y 1 A ASN 30 ? OD1 ? A ASN 36 OD1 
19 1 Y 1 A ASN 30 ? ND2 ? A ASN 36 ND2 
20 1 Y 1 A SER 31 ? OG  ? A SER 37 OG  
21 1 Y 1 A LYS 60 ? NZ  ? A LYS 66 NZ  
22 1 Y 1 A LYS 87 ? CG  ? A LYS 93 CG  
23 1 Y 1 A LYS 87 ? CD  ? A LYS 93 CD  
24 1 Y 1 A LYS 87 ? CE  ? A LYS 93 CE  
25 1 Y 1 A LYS 87 ? NZ  ? A LYS 93 NZ  
26 1 Y 1 A GLN 90 ? CG  ? A GLN 96 CG  
27 1 Y 1 A GLN 90 ? CD  ? A GLN 96 CD  
28 1 Y 1 A GLN 90 ? OE1 ? A GLN 96 OE1 
29 1 Y 1 A GLN 90 ? NE2 ? A GLN 96 NE2 
30 1 Y 1 A GLU 91 ? CG  ? A GLU 97 CG  
31 1 Y 1 A GLU 91 ? CD  ? A GLU 97 CD  
32 1 Y 1 A GLU 91 ? OE1 ? A GLU 97 OE1 
33 1 Y 1 A GLU 91 ? OE2 ? A GLU 97 OE2 
34 1 Y 1 A ARG 92 ? CG  ? A ARG 98 CG  
35 1 Y 1 A ARG 92 ? CD  ? A ARG 98 CD  
36 1 Y 1 A ARG 92 ? NE  ? A ARG 98 NE  
37 1 Y 1 A ARG 92 ? CZ  ? A ARG 98 CZ  
38 1 Y 1 A ARG 92 ? NH1 ? A ARG 98 NH1 
39 1 Y 1 A ARG 92 ? NH2 ? A ARG 98 NH2 
# 
loop_
_pdbx_unobs_or_zero_occ_residues.id 
_pdbx_unobs_or_zero_occ_residues.PDB_model_num 
_pdbx_unobs_or_zero_occ_residues.polymer_flag 
_pdbx_unobs_or_zero_occ_residues.occupancy_flag 
_pdbx_unobs_or_zero_occ_residues.auth_asym_id 
_pdbx_unobs_or_zero_occ_residues.auth_comp_id 
_pdbx_unobs_or_zero_occ_residues.auth_seq_id 
_pdbx_unobs_or_zero_occ_residues.PDB_ins_code 
_pdbx_unobs_or_zero_occ_residues.label_asym_id 
_pdbx_unobs_or_zero_occ_residues.label_comp_id 
_pdbx_unobs_or_zero_occ_residues.label_seq_id 
1  1 Y 1 A HIS -5  ? A HIS 1   
2  1 Y 1 A HIS -4  ? A HIS 2   
3  1 Y 1 A HIS -3  ? A HIS 3   
4  1 Y 1 A HIS -2  ? A HIS 4   
5  1 Y 1 A HIS -1  ? A HIS 5   
6  1 Y 1 A HIS 0   ? A HIS 6   
7  1 Y 1 A MET 1   ? A MET 7   
8  1 Y 1 A GLN 2   ? A GLN 8   
9  1 Y 1 A PRO 3   ? A PRO 9   
10 1 Y 1 A GLY 4   ? A GLY 10  
11 1 Y 1 A GLY 5   ? A GLY 11  
12 1 Y 1 A ASP 6   ? A ASP 12  
13 1 Y 1 A MET 7   ? A MET 13  
14 1 Y 1 A SER 8   ? A SER 14  
15 1 Y 1 A ALA 9   ? A ALA 15  
16 1 Y 1 A LEU 10  ? A LEU 16  
17 1 Y 1 A LEU 11  ? A LEU 17  
18 1 Y 1 A ALA 12  ? A ALA 18  
19 1 Y 1 A GLN 13  ? A GLN 19  
20 1 Y 1 A ALA 14  ? A ALA 20  
21 1 Y 1 A GLN 15  ? A GLN 21  
22 1 Y 1 A GLN 16  ? A GLN 22  
23 1 Y 1 A MET 17  ? A MET 23  
24 1 Y 1 A GLN 18  ? A GLN 24  
25 1 Y 1 A GLN 19  ? A GLN 25  
26 1 Y 1 A LYS 20  ? A LYS 26  
27 1 Y 1 A LEU 21  ? A LEU 27  
28 1 Y 1 A LEU 93  ? A LEU 99  
29 1 Y 1 A GLY 94  ? A GLY 100 
30 1 Y 1 A ALA 95  ? A ALA 101 
31 1 Y 1 A LEU 96  ? A LEU 102 
32 1 Y 1 A ALA 97  ? A ALA 103 
33 1 Y 1 A GLY 98  ? A GLY 104 
34 1 Y 1 A ALA 99  ? A ALA 105 
35 1 Y 1 A MET 100 ? A MET 106 
36 1 Y 1 A ARG 101 ? A ARG 107 
37 1 Y 1 A PRO 102 ? A PRO 108 
38 1 Y 1 A PRO 103 ? A PRO 109 
39 1 Y 1 A ALA 104 ? A ALA 110 
40 1 Y 1 A PRO 105 ? A PRO 111 
41 1 Y 1 A PRO 106 ? A PRO 112 
42 1 Y 1 A ALA 107 ? A ALA 113 
43 1 Y 1 A ALA 108 ? A ALA 114 
44 1 Y 1 A PRO 109 ? A PRO 115 
45 1 Y 1 A PRO 110 ? A PRO 116 
46 1 Y 1 A GLY 111 ? A GLY 117 
47 1 Y 1 A ALA 112 ? A ALA 118 
48 1 Y 1 A PRO 113 ? A PRO 119 
49 1 Y 1 A GLY 114 ? A GLY 120 
50 1 Y 1 A MET 115 ? A MET 121 
51 1 Y 1 A PRO 116 ? A PRO 122 
52 1 Y 1 A GLY 117 ? A GLY 123 
53 1 Y 1 A MET 118 ? A MET 124 
54 1 Y 1 A PRO 119 ? A PRO 125 
55 1 Y 1 A GLY 120 ? A GLY 126 
56 1 Y 1 A MET 121 ? A MET 127 
57 1 Y 1 A PRO 122 ? A PRO 128 
58 1 Y 1 A GLY 123 ? A GLY 129 
59 1 Y 1 A ALA 124 ? A ALA 130 
60 1 Y 1 A PRO 125 ? A PRO 131 
61 1 Y 1 A GLY 126 ? A GLY 132 
62 1 Y 1 A ALA 127 ? A ALA 133 
63 1 Y 1 A PRO 128 ? A PRO 134 
64 1 Y 1 A PRO 129 ? A PRO 135 
65 1 Y 1 A VAL 130 ? A VAL 136 
66 1 Y 1 A PRO 131 ? A PRO 137 
67 1 Y 1 A GLY 132 ? A GLY 138 
68 1 Y 1 A ILE 133 ? A ILE 139 
# 
loop_
_chem_comp_atom.comp_id 
_chem_comp_atom.atom_id 
_chem_comp_atom.type_symbol 
_chem_comp_atom.pdbx_aromatic_flag 
_chem_comp_atom.pdbx_stereo_config 
_chem_comp_atom.pdbx_ordinal 
ALA N    N  N N 1   
ALA CA   C  N S 2   
ALA C    C  N N 3   
ALA O    O  N N 4   
ALA CB   C  N N 5   
ALA OXT  O  N N 6   
ALA H    H  N N 7   
ALA H2   H  N N 8   
ALA HA   H  N N 9   
ALA HB1  H  N N 10  
ALA HB2  H  N N 11  
ALA HB3  H  N N 12  
ALA HXT  H  N N 13  
ARG N    N  N N 14  
ARG CA   C  N S 15  
ARG C    C  N N 16  
ARG O    O  N N 17  
ARG CB   C  N N 18  
ARG CG   C  N N 19  
ARG CD   C  N N 20  
ARG NE   N  N N 21  
ARG CZ   C  N N 22  
ARG NH1  N  N N 23  
ARG NH2  N  N N 24  
ARG OXT  O  N N 25  
ARG H    H  N N 26  
ARG H2   H  N N 27  
ARG HA   H  N N 28  
ARG HB2  H  N N 29  
ARG HB3  H  N N 30  
ARG HG2  H  N N 31  
ARG HG3  H  N N 32  
ARG HD2  H  N N 33  
ARG HD3  H  N N 34  
ARG HE   H  N N 35  
ARG HH11 H  N N 36  
ARG HH12 H  N N 37  
ARG HH21 H  N N 38  
ARG HH22 H  N N 39  
ARG HXT  H  N N 40  
ASN N    N  N N 41  
ASN CA   C  N S 42  
ASN C    C  N N 43  
ASN O    O  N N 44  
ASN CB   C  N N 45  
ASN CG   C  N N 46  
ASN OD1  O  N N 47  
ASN ND2  N  N N 48  
ASN OXT  O  N N 49  
ASN H    H  N N 50  
ASN H2   H  N N 51  
ASN HA   H  N N 52  
ASN HB2  H  N N 53  
ASN HB3  H  N N 54  
ASN HD21 H  N N 55  
ASN HD22 H  N N 56  
ASN HXT  H  N N 57  
ASP N    N  N N 58  
ASP CA   C  N S 59  
ASP C    C  N N 60  
ASP O    O  N N 61  
ASP CB   C  N N 62  
ASP CG   C  N N 63  
ASP OD1  O  N N 64  
ASP OD2  O  N N 65  
ASP OXT  O  N N 66  
ASP H    H  N N 67  
ASP H2   H  N N 68  
ASP HA   H  N N 69  
ASP HB2  H  N N 70  
ASP HB3  H  N N 71  
ASP HD2  H  N N 72  
ASP HXT  H  N N 73  
CD  CD   CD N N 74  
EDO C1   C  N N 75  
EDO O1   O  N N 76  
EDO C2   C  N N 77  
EDO O2   O  N N 78  
EDO H11  H  N N 79  
EDO H12  H  N N 80  
EDO HO1  H  N N 81  
EDO H21  H  N N 82  
EDO H22  H  N N 83  
EDO HO2  H  N N 84  
GLN N    N  N N 85  
GLN CA   C  N S 86  
GLN C    C  N N 87  
GLN O    O  N N 88  
GLN CB   C  N N 89  
GLN CG   C  N N 90  
GLN CD   C  N N 91  
GLN OE1  O  N N 92  
GLN NE2  N  N N 93  
GLN OXT  O  N N 94  
GLN H    H  N N 95  
GLN H2   H  N N 96  
GLN HA   H  N N 97  
GLN HB2  H  N N 98  
GLN HB3  H  N N 99  
GLN HG2  H  N N 100 
GLN HG3  H  N N 101 
GLN HE21 H  N N 102 
GLN HE22 H  N N 103 
GLN HXT  H  N N 104 
GLU N    N  N N 105 
GLU CA   C  N S 106 
GLU C    C  N N 107 
GLU O    O  N N 108 
GLU CB   C  N N 109 
GLU CG   C  N N 110 
GLU CD   C  N N 111 
GLU OE1  O  N N 112 
GLU OE2  O  N N 113 
GLU OXT  O  N N 114 
GLU H    H  N N 115 
GLU H2   H  N N 116 
GLU HA   H  N N 117 
GLU HB2  H  N N 118 
GLU HB3  H  N N 119 
GLU HG2  H  N N 120 
GLU HG3  H  N N 121 
GLU HE2  H  N N 122 
GLU HXT  H  N N 123 
GLY N    N  N N 124 
GLY CA   C  N N 125 
GLY C    C  N N 126 
GLY O    O  N N 127 
GLY OXT  O  N N 128 
GLY H    H  N N 129 
GLY H2   H  N N 130 
GLY HA2  H  N N 131 
GLY HA3  H  N N 132 
GLY HXT  H  N N 133 
HIS N    N  N N 134 
HIS CA   C  N S 135 
HIS C    C  N N 136 
HIS O    O  N N 137 
HIS CB   C  N N 138 
HIS CG   C  Y N 139 
HIS ND1  N  Y N 140 
HIS CD2  C  Y N 141 
HIS CE1  C  Y N 142 
HIS NE2  N  Y N 143 
HIS OXT  O  N N 144 
HIS H    H  N N 145 
HIS H2   H  N N 146 
HIS HA   H  N N 147 
HIS HB2  H  N N 148 
HIS HB3  H  N N 149 
HIS HD1  H  N N 150 
HIS HD2  H  N N 151 
HIS HE1  H  N N 152 
HIS HE2  H  N N 153 
HIS HXT  H  N N 154 
HOH O    O  N N 155 
HOH H1   H  N N 156 
HOH H2   H  N N 157 
ILE N    N  N N 158 
ILE CA   C  N S 159 
ILE C    C  N N 160 
ILE O    O  N N 161 
ILE CB   C  N S 162 
ILE CG1  C  N N 163 
ILE CG2  C  N N 164 
ILE CD1  C  N N 165 
ILE OXT  O  N N 166 
ILE H    H  N N 167 
ILE H2   H  N N 168 
ILE HA   H  N N 169 
ILE HB   H  N N 170 
ILE HG12 H  N N 171 
ILE HG13 H  N N 172 
ILE HG21 H  N N 173 
ILE HG22 H  N N 174 
ILE HG23 H  N N 175 
ILE HD11 H  N N 176 
ILE HD12 H  N N 177 
ILE HD13 H  N N 178 
ILE HXT  H  N N 179 
LEU N    N  N N 180 
LEU CA   C  N S 181 
LEU C    C  N N 182 
LEU O    O  N N 183 
LEU CB   C  N N 184 
LEU CG   C  N N 185 
LEU CD1  C  N N 186 
LEU CD2  C  N N 187 
LEU OXT  O  N N 188 
LEU H    H  N N 189 
LEU H2   H  N N 190 
LEU HA   H  N N 191 
LEU HB2  H  N N 192 
LEU HB3  H  N N 193 
LEU HG   H  N N 194 
LEU HD11 H  N N 195 
LEU HD12 H  N N 196 
LEU HD13 H  N N 197 
LEU HD21 H  N N 198 
LEU HD22 H  N N 199 
LEU HD23 H  N N 200 
LEU HXT  H  N N 201 
LYS N    N  N N 202 
LYS CA   C  N S 203 
LYS C    C  N N 204 
LYS O    O  N N 205 
LYS CB   C  N N 206 
LYS CG   C  N N 207 
LYS CD   C  N N 208 
LYS CE   C  N N 209 
LYS NZ   N  N N 210 
LYS OXT  O  N N 211 
LYS H    H  N N 212 
LYS H2   H  N N 213 
LYS HA   H  N N 214 
LYS HB2  H  N N 215 
LYS HB3  H  N N 216 
LYS HG2  H  N N 217 
LYS HG3  H  N N 218 
LYS HD2  H  N N 219 
LYS HD3  H  N N 220 
LYS HE2  H  N N 221 
LYS HE3  H  N N 222 
LYS HZ1  H  N N 223 
LYS HZ2  H  N N 224 
LYS HZ3  H  N N 225 
LYS HXT  H  N N 226 
MET N    N  N N 227 
MET CA   C  N S 228 
MET C    C  N N 229 
MET O    O  N N 230 
MET CB   C  N N 231 
MET CG   C  N N 232 
MET SD   S  N N 233 
MET CE   C  N N 234 
MET OXT  O  N N 235 
MET H    H  N N 236 
MET H2   H  N N 237 
MET HA   H  N N 238 
MET HB2  H  N N 239 
MET HB3  H  N N 240 
MET HG2  H  N N 241 
MET HG3  H  N N 242 
MET HE1  H  N N 243 
MET HE2  H  N N 244 
MET HE3  H  N N 245 
MET HXT  H  N N 246 
PRO N    N  N N 247 
PRO CA   C  N S 248 
PRO C    C  N N 249 
PRO O    O  N N 250 
PRO CB   C  N N 251 
PRO CG   C  N N 252 
PRO CD   C  N N 253 
PRO OXT  O  N N 254 
PRO H    H  N N 255 
PRO HA   H  N N 256 
PRO HB2  H  N N 257 
PRO HB3  H  N N 258 
PRO HG2  H  N N 259 
PRO HG3  H  N N 260 
PRO HD2  H  N N 261 
PRO HD3  H  N N 262 
PRO HXT  H  N N 263 
SER N    N  N N 264 
SER CA   C  N S 265 
SER C    C  N N 266 
SER O    O  N N 267 
SER CB   C  N N 268 
SER OG   O  N N 269 
SER OXT  O  N N 270 
SER H    H  N N 271 
SER H2   H  N N 272 
SER HA   H  N N 273 
SER HB2  H  N N 274 
SER HB3  H  N N 275 
SER HG   H  N N 276 
SER HXT  H  N N 277 
THR N    N  N N 278 
THR CA   C  N S 279 
THR C    C  N N 280 
THR O    O  N N 281 
THR CB   C  N R 282 
THR OG1  O  N N 283 
THR CG2  C  N N 284 
THR OXT  O  N N 285 
THR H    H  N N 286 
THR H2   H  N N 287 
THR HA   H  N N 288 
THR HB   H  N N 289 
THR HG1  H  N N 290 
THR HG21 H  N N 291 
THR HG22 H  N N 292 
THR HG23 H  N N 293 
THR HXT  H  N N 294 
VAL N    N  N N 295 
VAL CA   C  N S 296 
VAL C    C  N N 297 
VAL O    O  N N 298 
VAL CB   C  N N 299 
VAL CG1  C  N N 300 
VAL CG2  C  N N 301 
VAL OXT  O  N N 302 
VAL H    H  N N 303 
VAL H2   H  N N 304 
VAL HA   H  N N 305 
VAL HB   H  N N 306 
VAL HG11 H  N N 307 
VAL HG12 H  N N 308 
VAL HG13 H  N N 309 
VAL HG21 H  N N 310 
VAL HG22 H  N N 311 
VAL HG23 H  N N 312 
VAL HXT  H  N N 313 
# 
loop_
_chem_comp_bond.comp_id 
_chem_comp_bond.atom_id_1 
_chem_comp_bond.atom_id_2 
_chem_comp_bond.value_order 
_chem_comp_bond.pdbx_aromatic_flag 
_chem_comp_bond.pdbx_stereo_config 
_chem_comp_bond.pdbx_ordinal 
ALA N   CA   sing N N 1   
ALA N   H    sing N N 2   
ALA N   H2   sing N N 3   
ALA CA  C    sing N N 4   
ALA CA  CB   sing N N 5   
ALA CA  HA   sing N N 6   
ALA C   O    doub N N 7   
ALA C   OXT  sing N N 8   
ALA CB  HB1  sing N N 9   
ALA CB  HB2  sing N N 10  
ALA CB  HB3  sing N N 11  
ALA OXT HXT  sing N N 12  
ARG N   CA   sing N N 13  
ARG N   H    sing N N 14  
ARG N   H2   sing N N 15  
ARG CA  C    sing N N 16  
ARG CA  CB   sing N N 17  
ARG CA  HA   sing N N 18  
ARG C   O    doub N N 19  
ARG C   OXT  sing N N 20  
ARG CB  CG   sing N N 21  
ARG CB  HB2  sing N N 22  
ARG CB  HB3  sing N N 23  
ARG CG  CD   sing N N 24  
ARG CG  HG2  sing N N 25  
ARG CG  HG3  sing N N 26  
ARG CD  NE   sing N N 27  
ARG CD  HD2  sing N N 28  
ARG CD  HD3  sing N N 29  
ARG NE  CZ   sing N N 30  
ARG NE  HE   sing N N 31  
ARG CZ  NH1  sing N N 32  
ARG CZ  NH2  doub N N 33  
ARG NH1 HH11 sing N N 34  
ARG NH1 HH12 sing N N 35  
ARG NH2 HH21 sing N N 36  
ARG NH2 HH22 sing N N 37  
ARG OXT HXT  sing N N 38  
ASN N   CA   sing N N 39  
ASN N   H    sing N N 40  
ASN N   H2   sing N N 41  
ASN CA  C    sing N N 42  
ASN CA  CB   sing N N 43  
ASN CA  HA   sing N N 44  
ASN C   O    doub N N 45  
ASN C   OXT  sing N N 46  
ASN CB  CG   sing N N 47  
ASN CB  HB2  sing N N 48  
ASN CB  HB3  sing N N 49  
ASN CG  OD1  doub N N 50  
ASN CG  ND2  sing N N 51  
ASN ND2 HD21 sing N N 52  
ASN ND2 HD22 sing N N 53  
ASN OXT HXT  sing N N 54  
ASP N   CA   sing N N 55  
ASP N   H    sing N N 56  
ASP N   H2   sing N N 57  
ASP CA  C    sing N N 58  
ASP CA  CB   sing N N 59  
ASP CA  HA   sing N N 60  
ASP C   O    doub N N 61  
ASP C   OXT  sing N N 62  
ASP CB  CG   sing N N 63  
ASP CB  HB2  sing N N 64  
ASP CB  HB3  sing N N 65  
ASP CG  OD1  doub N N 66  
ASP CG  OD2  sing N N 67  
ASP OD2 HD2  sing N N 68  
ASP OXT HXT  sing N N 69  
EDO C1  O1   sing N N 70  
EDO C1  C2   sing N N 71  
EDO C1  H11  sing N N 72  
EDO C1  H12  sing N N 73  
EDO O1  HO1  sing N N 74  
EDO C2  O2   sing N N 75  
EDO C2  H21  sing N N 76  
EDO C2  H22  sing N N 77  
EDO O2  HO2  sing N N 78  
GLN N   CA   sing N N 79  
GLN N   H    sing N N 80  
GLN N   H2   sing N N 81  
GLN CA  C    sing N N 82  
GLN CA  CB   sing N N 83  
GLN CA  HA   sing N N 84  
GLN C   O    doub N N 85  
GLN C   OXT  sing N N 86  
GLN CB  CG   sing N N 87  
GLN CB  HB2  sing N N 88  
GLN CB  HB3  sing N N 89  
GLN CG  CD   sing N N 90  
GLN CG  HG2  sing N N 91  
GLN CG  HG3  sing N N 92  
GLN CD  OE1  doub N N 93  
GLN CD  NE2  sing N N 94  
GLN NE2 HE21 sing N N 95  
GLN NE2 HE22 sing N N 96  
GLN OXT HXT  sing N N 97  
GLU N   CA   sing N N 98  
GLU N   H    sing N N 99  
GLU N   H2   sing N N 100 
GLU CA  C    sing N N 101 
GLU CA  CB   sing N N 102 
GLU CA  HA   sing N N 103 
GLU C   O    doub N N 104 
GLU C   OXT  sing N N 105 
GLU CB  CG   sing N N 106 
GLU CB  HB2  sing N N 107 
GLU CB  HB3  sing N N 108 
GLU CG  CD   sing N N 109 
GLU CG  HG2  sing N N 110 
GLU CG  HG3  sing N N 111 
GLU CD  OE1  doub N N 112 
GLU CD  OE2  sing N N 113 
GLU OE2 HE2  sing N N 114 
GLU OXT HXT  sing N N 115 
GLY N   CA   sing N N 116 
GLY N   H    sing N N 117 
GLY N   H2   sing N N 118 
GLY CA  C    sing N N 119 
GLY CA  HA2  sing N N 120 
GLY CA  HA3  sing N N 121 
GLY C   O    doub N N 122 
GLY C   OXT  sing N N 123 
GLY OXT HXT  sing N N 124 
HIS N   CA   sing N N 125 
HIS N   H    sing N N 126 
HIS N   H2   sing N N 127 
HIS CA  C    sing N N 128 
HIS CA  CB   sing N N 129 
HIS CA  HA   sing N N 130 
HIS C   O    doub N N 131 
HIS C   OXT  sing N N 132 
HIS CB  CG   sing N N 133 
HIS CB  HB2  sing N N 134 
HIS CB  HB3  sing N N 135 
HIS CG  ND1  sing Y N 136 
HIS CG  CD2  doub Y N 137 
HIS ND1 CE1  doub Y N 138 
HIS ND1 HD1  sing N N 139 
HIS CD2 NE2  sing Y N 140 
HIS CD2 HD2  sing N N 141 
HIS CE1 NE2  sing Y N 142 
HIS CE1 HE1  sing N N 143 
HIS NE2 HE2  sing N N 144 
HIS OXT HXT  sing N N 145 
HOH O   H1   sing N N 146 
HOH O   H2   sing N N 147 
ILE N   CA   sing N N 148 
ILE N   H    sing N N 149 
ILE N   H2   sing N N 150 
ILE CA  C    sing N N 151 
ILE CA  CB   sing N N 152 
ILE CA  HA   sing N N 153 
ILE C   O    doub N N 154 
ILE C   OXT  sing N N 155 
ILE CB  CG1  sing N N 156 
ILE CB  CG2  sing N N 157 
ILE CB  HB   sing N N 158 
ILE CG1 CD1  sing N N 159 
ILE CG1 HG12 sing N N 160 
ILE CG1 HG13 sing N N 161 
ILE CG2 HG21 sing N N 162 
ILE CG2 HG22 sing N N 163 
ILE CG2 HG23 sing N N 164 
ILE CD1 HD11 sing N N 165 
ILE CD1 HD12 sing N N 166 
ILE CD1 HD13 sing N N 167 
ILE OXT HXT  sing N N 168 
LEU N   CA   sing N N 169 
LEU N   H    sing N N 170 
LEU N   H2   sing N N 171 
LEU CA  C    sing N N 172 
LEU CA  CB   sing N N 173 
LEU CA  HA   sing N N 174 
LEU C   O    doub N N 175 
LEU C   OXT  sing N N 176 
LEU CB  CG   sing N N 177 
LEU CB  HB2  sing N N 178 
LEU CB  HB3  sing N N 179 
LEU CG  CD1  sing N N 180 
LEU CG  CD2  sing N N 181 
LEU CG  HG   sing N N 182 
LEU CD1 HD11 sing N N 183 
LEU CD1 HD12 sing N N 184 
LEU CD1 HD13 sing N N 185 
LEU CD2 HD21 sing N N 186 
LEU CD2 HD22 sing N N 187 
LEU CD2 HD23 sing N N 188 
LEU OXT HXT  sing N N 189 
LYS N   CA   sing N N 190 
LYS N   H    sing N N 191 
LYS N   H2   sing N N 192 
LYS CA  C    sing N N 193 
LYS CA  CB   sing N N 194 
LYS CA  HA   sing N N 195 
LYS C   O    doub N N 196 
LYS C   OXT  sing N N 197 
LYS CB  CG   sing N N 198 
LYS CB  HB2  sing N N 199 
LYS CB  HB3  sing N N 200 
LYS CG  CD   sing N N 201 
LYS CG  HG2  sing N N 202 
LYS CG  HG3  sing N N 203 
LYS CD  CE   sing N N 204 
LYS CD  HD2  sing N N 205 
LYS CD  HD3  sing N N 206 
LYS CE  NZ   sing N N 207 
LYS CE  HE2  sing N N 208 
LYS CE  HE3  sing N N 209 
LYS NZ  HZ1  sing N N 210 
LYS NZ  HZ2  sing N N 211 
LYS NZ  HZ3  sing N N 212 
LYS OXT HXT  sing N N 213 
MET N   CA   sing N N 214 
MET N   H    sing N N 215 
MET N   H2   sing N N 216 
MET CA  C    sing N N 217 
MET CA  CB   sing N N 218 
MET CA  HA   sing N N 219 
MET C   O    doub N N 220 
MET C   OXT  sing N N 221 
MET CB  CG   sing N N 222 
MET CB  HB2  sing N N 223 
MET CB  HB3  sing N N 224 
MET CG  SD   sing N N 225 
MET CG  HG2  sing N N 226 
MET CG  HG3  sing N N 227 
MET SD  CE   sing N N 228 
MET CE  HE1  sing N N 229 
MET CE  HE2  sing N N 230 
MET CE  HE3  sing N N 231 
MET OXT HXT  sing N N 232 
PRO N   CA   sing N N 233 
PRO N   CD   sing N N 234 
PRO N   H    sing N N 235 
PRO CA  C    sing N N 236 
PRO CA  CB   sing N N 237 
PRO CA  HA   sing N N 238 
PRO C   O    doub N N 239 
PRO C   OXT  sing N N 240 
PRO CB  CG   sing N N 241 
PRO CB  HB2  sing N N 242 
PRO CB  HB3  sing N N 243 
PRO CG  CD   sing N N 244 
PRO CG  HG2  sing N N 245 
PRO CG  HG3  sing N N 246 
PRO CD  HD2  sing N N 247 
PRO CD  HD3  sing N N 248 
PRO OXT HXT  sing N N 249 
SER N   CA   sing N N 250 
SER N   H    sing N N 251 
SER N   H2   sing N N 252 
SER CA  C    sing N N 253 
SER CA  CB   sing N N 254 
SER CA  HA   sing N N 255 
SER C   O    doub N N 256 
SER C   OXT  sing N N 257 
SER CB  OG   sing N N 258 
SER CB  HB2  sing N N 259 
SER CB  HB3  sing N N 260 
SER OG  HG   sing N N 261 
SER OXT HXT  sing N N 262 
THR N   CA   sing N N 263 
THR N   H    sing N N 264 
THR N   H2   sing N N 265 
THR CA  C    sing N N 266 
THR CA  CB   sing N N 267 
THR CA  HA   sing N N 268 
THR C   O    doub N N 269 
THR C   OXT  sing N N 270 
THR CB  OG1  sing N N 271 
THR CB  CG2  sing N N 272 
THR CB  HB   sing N N 273 
THR OG1 HG1  sing N N 274 
THR CG2 HG21 sing N N 275 
THR CG2 HG22 sing N N 276 
THR CG2 HG23 sing N N 277 
THR OXT HXT  sing N N 278 
VAL N   CA   sing N N 279 
VAL N   H    sing N N 280 
VAL N   H2   sing N N 281 
VAL CA  C    sing N N 282 
VAL CA  CB   sing N N 283 
VAL CA  HA   sing N N 284 
VAL C   O    doub N N 285 
VAL C   OXT  sing N N 286 
VAL CB  CG1  sing N N 287 
VAL CB  CG2  sing N N 288 
VAL CB  HB   sing N N 289 
VAL CG1 HG11 sing N N 290 
VAL CG1 HG12 sing N N 291 
VAL CG1 HG13 sing N N 292 
VAL CG2 HG21 sing N N 293 
VAL CG2 HG22 sing N N 294 
VAL CG2 HG23 sing N N 295 
VAL OXT HXT  sing N N 296 
# 
_pdbx_audit_support.funding_organization   'Department of Science and Technology' 
_pdbx_audit_support.country                India 
_pdbx_audit_support.grant_number           SR/S2/JCB-12/2005/9.5.2006 
_pdbx_audit_support.ordinal                1 
# 
loop_
_pdbx_entity_nonpoly.entity_id 
_pdbx_entity_nonpoly.name 
_pdbx_entity_nonpoly.comp_id 
2 'CADMIUM ION'  CD  
3 1,2-ETHANEDIOL EDO 
4 water          HOH 
# 
_pdbx_initial_refinement_model.id               1 
_pdbx_initial_refinement_model.entity_id_list   ? 
_pdbx_initial_refinement_model.type             'experimental model' 
_pdbx_initial_refinement_model.source_name      PDB 
_pdbx_initial_refinement_model.accession_code   1YBX 
_pdbx_initial_refinement_model.details          ? 
# 
_pdbx_struct_assembly_auth_evidence.id                     1 
_pdbx_struct_assembly_auth_evidence.assembly_id            1 
_pdbx_struct_assembly_auth_evidence.experimental_support   none 
_pdbx_struct_assembly_auth_evidence.details                'Predicted by PISA server' 
# 
